data_8YI7
#
_entry.id   8YI7
#
_cell.length_a   1.00
_cell.length_b   1.00
_cell.length_c   1.00
_cell.angle_alpha   90.00
_cell.angle_beta   90.00
_cell.angle_gamma   90.00
#
_symmetry.space_group_name_H-M   'P 1'
#
loop_
_entity.id
_entity.type
_entity.pdbx_description
1 polymer 'Interleukin-12 subunit alpha'
2 polymer 'Interleukin-12 subunit beta'
3 polymer 'Interleukin-12 receptor subunit beta-2'
4 polymer 'Interleukin-12 receptor subunit beta-1'
5 branched beta-D-mannopyranose-(1-4)-2-acetamido-2-deoxy-beta-D-glucopyranose-(1-4)-2-acetamido-2-deoxy-beta-D-glucopyranose
6 non-polymer 2-acetamido-2-deoxy-beta-D-glucopyranose
#
loop_
_entity_poly.entity_id
_entity_poly.type
_entity_poly.pdbx_seq_one_letter_code
_entity_poly.pdbx_strand_id
1 'polypeptide(L)'
;LSLARNLPVATPDPGMFPCLHHSQNLLRAVSNMLQKARQTLEFYPCTSEEIDHEDITKDKTSTVEACLPLELTKNESCLN
SRETSFITNGSCLASRKTSFMMALCLSSIYEDLKMYQVEFKTMNAKLLMDPKRQIFLDQNMLAVIDELMQALNFNSETVP
QKSSLEEPDFYKTKIKLCILLHAFRIRAVTIDRVMSYLNASHHHHHH
;
A
2 'polypeptide(L)'
;AIWELKKDVYVVELDWYPDAPGEMVVLTCDTPEEDGITWTLDQSSEVLGSGKTLTIQVKEFGDAGQYTCHKGGEVLSHSL
LLLHKKEDGIWSTDILKDQKEPKNKTFLRCEAKNYSGRFTCWWLTTISTDLTFSVKSSRGSSDPQGVTCGAATLSAERVR
GDNKEYEYSVECQEDSACPAAEESLPIEVMVDAVHKLKYENYTSSFFIRDIIKPDPPKNLQLKPLKNSRQVEVSWEYPDT
WSTPHSYFSLTFCVQVQGKSKREKKDRVFTDKTSATVICRKNASISVRAQDRYYSSSWSEWASVPCS
;
B
3 'polypeptide(L)'
;KIDACKRGDVTVKPSHVILLGSTVNITCSLKPRQGCFHYSRRNKLILYKFDRRINFHHGHSLNSQVTGLPLGTTLFVCKL
ACINSDEIQICGAEIFVGVAPEQPQNLSCIQKGEQGTVACTWERGRDTHLYTEYTLQLSGPKNLTWQKQCKDIYCDYLDF
GINLTPESPESNFTAKVTAVNSLGSSSSLPSTFTFLDIVRPLPPWDIRIKFQKASVSRCTLYWRDEGLVLLNRLRYRPSN
SRLWNMVNVTKAKGRHDLLDLKPFTEYEFQISSKLHLYKGSWSDWSESLRAQTPEEHHHHHH
;
C
4 'polypeptide(L)'
;CRTSECCFQDPPYPDADSGSASGPRDLRCYRISSDRYECSWQYEGPTAGVSHFLRCCLSSGRCCYFAAGSATRLQFSDQA
GVSVLYTVTLWVESWARNQTEKSPEVTLQLYNSVKYEPPLGDIKVSKLAGQLRMEWETPDNQVGAEVQFRHRTPSSPWKL
GDCGPQDDDTESCLCPLEMNVAQEFQLRRRQLGSQGSSWSKWSSPVCVPPENPHHHHHH
;
D
#
loop_
_chem_comp.id
_chem_comp.type
_chem_comp.name
_chem_comp.formula
BMA D-saccharide, beta linking beta-D-mannopyranose 'C6 H12 O6'
NAG D-saccharide, beta linking 2-acetamido-2-deoxy-beta-D-glucopyranose 'C8 H15 N O6'
#
# COMPACT_ATOMS: atom_id res chain seq x y z
N MET A 16 -31.63 -27.05 2.48
CA MET A 16 -31.94 -25.61 2.55
C MET A 16 -32.16 -25.19 4.01
N PHE A 17 -31.52 -24.10 4.44
CA PHE A 17 -31.69 -23.59 5.82
C PHE A 17 -32.44 -22.25 5.74
N PRO A 18 -33.58 -22.07 6.45
CA PRO A 18 -34.36 -20.84 6.35
C PRO A 18 -33.56 -19.61 6.81
N CYS A 19 -32.82 -19.74 7.91
CA CYS A 19 -31.96 -18.64 8.41
C CYS A 19 -30.87 -18.34 7.39
N LEU A 20 -30.32 -19.38 6.74
CA LEU A 20 -29.30 -19.17 5.69
C LEU A 20 -29.93 -18.37 4.54
N HIS A 21 -31.18 -18.69 4.19
CA HIS A 21 -31.89 -17.92 3.13
C HIS A 21 -32.04 -16.46 3.57
N HIS A 22 -32.39 -16.22 4.83
CA HIS A 22 -32.51 -14.82 5.34
C HIS A 22 -31.14 -14.14 5.31
N SER A 23 -30.08 -14.84 5.70
CA SER A 23 -28.71 -14.27 5.69
C SER A 23 -28.27 -13.97 4.25
N GLN A 24 -28.57 -14.88 3.30
CA GLN A 24 -28.23 -14.64 1.88
C GLN A 24 -29.03 -13.42 1.40
N ASN A 25 -30.29 -13.29 1.84
CA ASN A 25 -31.11 -12.10 1.48
C ASN A 25 -30.45 -10.87 2.09
N LEU A 26 -29.94 -10.98 3.32
CA LEU A 26 -29.31 -9.81 3.99
C LEU A 26 -28.09 -9.34 3.18
N LEU A 27 -27.20 -10.27 2.82
CA LEU A 27 -25.95 -9.87 2.11
C LEU A 27 -26.34 -9.19 0.79
N ARG A 28 -27.31 -9.76 0.07
CA ARG A 28 -27.74 -9.18 -1.23
C ARG A 28 -28.34 -7.80 -1.01
N ALA A 29 -29.16 -7.63 0.03
CA ALA A 29 -29.81 -6.32 0.29
C ALA A 29 -28.75 -5.25 0.60
N VAL A 30 -27.74 -5.61 1.40
CA VAL A 30 -26.65 -4.65 1.74
C VAL A 30 -25.89 -4.30 0.47
N SER A 31 -25.61 -5.30 -0.39
CA SER A 31 -24.84 -5.07 -1.63
C SER A 31 -25.58 -4.04 -2.51
N ASN A 32 -26.90 -4.15 -2.61
CA ASN A 32 -27.69 -3.22 -3.46
C ASN A 32 -27.70 -1.82 -2.81
N MET A 33 -27.88 -1.76 -1.49
CA MET A 33 -27.92 -0.47 -0.77
C MET A 33 -26.55 0.22 -0.89
N LEU A 34 -25.46 -0.56 -0.78
CA LEU A 34 -24.09 0.02 -0.86
C LEU A 34 -23.88 0.63 -2.25
N GLN A 35 -24.35 -0.05 -3.30
CA GLN A 35 -24.22 0.46 -4.67
C GLN A 35 -25.01 1.78 -4.81
N LYS A 36 -26.22 1.81 -4.26
CA LYS A 36 -27.05 3.03 -4.30
C LYS A 36 -26.32 4.15 -3.57
N ALA A 37 -25.72 3.85 -2.41
CA ALA A 37 -25.07 4.90 -1.59
C ALA A 37 -23.93 5.54 -2.38
N ARG A 38 -23.12 4.73 -3.07
CA ARG A 38 -21.98 5.25 -3.85
C ARG A 38 -22.49 6.16 -4.97
N GLN A 39 -23.55 5.74 -5.67
CA GLN A 39 -24.12 6.56 -6.79
C GLN A 39 -24.72 7.86 -6.24
N THR A 40 -25.49 7.80 -5.15
CA THR A 40 -26.17 9.02 -4.64
C THR A 40 -25.13 10.02 -4.14
N LEU A 41 -24.23 9.60 -3.25
CA LEU A 41 -23.23 10.54 -2.67
C LEU A 41 -21.98 10.60 -3.56
N GLU A 42 -22.05 11.34 -4.67
CA GLU A 42 -20.91 11.44 -5.63
C GLU A 42 -19.69 12.12 -4.99
N PHE A 43 -19.89 13.19 -4.23
CA PHE A 43 -18.73 13.95 -3.64
C PHE A 43 -18.30 13.27 -2.35
N TYR A 44 -19.23 13.09 -1.40
CA TYR A 44 -18.94 12.34 -0.15
C TYR A 44 -18.07 11.13 -0.51
N PRO A 45 -16.92 10.84 0.16
CA PRO A 45 -16.09 9.71 -0.29
C PRO A 45 -16.62 8.37 0.26
N CYS A 46 -17.10 7.50 -0.64
CA CYS A 46 -17.71 6.22 -0.17
C CYS A 46 -17.11 5.03 -0.91
N THR A 47 -15.85 5.12 -1.34
CA THR A 47 -15.19 3.94 -1.96
C THR A 47 -14.49 3.15 -0.86
N SER A 48 -14.32 1.84 -1.02
CA SER A 48 -13.75 1.01 0.08
C SER A 48 -12.36 1.51 0.45
N GLU A 49 -11.63 2.04 -0.53
CA GLU A 49 -10.25 2.52 -0.29
C GLU A 49 -10.24 3.75 0.62
N GLU A 50 -11.18 4.68 0.43
CA GLU A 50 -11.14 5.96 1.18
C GLU A 50 -11.90 5.88 2.52
N ILE A 51 -12.60 4.79 2.78
CA ILE A 51 -13.43 4.66 4.01
C ILE A 51 -12.72 3.73 4.97
N ASP A 52 -12.40 4.20 6.17
CA ASP A 52 -11.68 3.39 7.17
C ASP A 52 -12.61 2.28 7.69
N HIS A 53 -12.07 1.15 8.14
CA HIS A 53 -12.95 0.11 8.72
C HIS A 53 -13.17 0.43 10.19
N GLU A 54 -14.39 0.76 10.59
CA GLU A 54 -14.66 0.95 12.03
C GLU A 54 -15.86 0.08 12.43
N ASP A 55 -15.70 -0.78 13.43
CA ASP A 55 -16.80 -1.69 13.83
C ASP A 55 -17.36 -1.23 15.17
N ILE A 56 -18.65 -0.89 15.20
CA ILE A 56 -19.31 -0.44 16.46
C ILE A 56 -19.29 -1.60 17.46
N THR A 57 -19.47 -2.83 17.01
CA THR A 57 -19.58 -3.99 17.92
C THR A 57 -18.20 -4.56 18.23
N LYS A 58 -17.18 -3.70 18.35
CA LYS A 58 -15.79 -4.21 18.51
C LYS A 58 -15.63 -5.00 19.80
N ASP A 59 -16.12 -4.48 20.92
CA ASP A 59 -15.84 -5.17 22.20
C ASP A 59 -17.12 -5.73 22.80
N LYS A 60 -18.26 -5.20 22.40
CA LYS A 60 -19.53 -5.62 23.02
C LYS A 60 -19.82 -7.09 22.75
N THR A 61 -19.56 -7.59 21.54
CA THR A 61 -19.98 -8.97 21.20
C THR A 61 -18.80 -9.86 20.83
N SER A 62 -18.98 -11.17 20.96
CA SER A 62 -17.87 -12.12 20.70
C SER A 62 -18.08 -12.89 19.39
N THR A 63 -18.77 -12.30 18.40
CA THR A 63 -18.97 -12.96 17.08
C THR A 63 -17.63 -13.20 16.40
N VAL A 64 -16.67 -12.30 16.59
CA VAL A 64 -15.35 -12.42 15.91
C VAL A 64 -14.70 -13.73 16.37
N GLU A 65 -14.88 -14.12 17.63
CA GLU A 65 -14.20 -15.34 18.16
C GLU A 65 -15.15 -16.55 18.20
N ALA A 66 -16.37 -16.38 18.73
CA ALA A 66 -17.30 -17.52 18.91
C ALA A 66 -17.75 -18.11 17.56
N CYS A 67 -17.98 -17.27 16.55
CA CYS A 67 -18.52 -17.79 15.26
C CYS A 67 -17.38 -18.33 14.39
N LEU A 68 -16.96 -19.58 14.65
CA LEU A 68 -15.89 -20.22 13.86
C LEU A 68 -16.30 -21.67 13.59
N PRO A 69 -15.78 -22.35 12.54
CA PRO A 69 -16.07 -23.76 12.32
C PRO A 69 -15.52 -24.55 13.53
N LEU A 70 -16.17 -25.66 13.89
CA LEU A 70 -15.76 -26.42 15.10
C LEU A 70 -14.30 -26.87 14.96
N GLU A 71 -13.88 -27.23 13.74
CA GLU A 71 -12.48 -27.67 13.52
C GLU A 71 -11.52 -26.53 13.86
N LEU A 72 -11.84 -25.29 13.44
CA LEU A 72 -10.92 -24.15 13.66
C LEU A 72 -10.72 -23.85 15.15
N THR A 73 -11.78 -23.89 15.96
CA THR A 73 -11.66 -23.52 17.39
C THR A 73 -11.35 -24.76 18.23
N LYS A 74 -10.29 -24.72 19.03
CA LYS A 74 -9.88 -25.94 19.80
C LYS A 74 -9.47 -25.57 21.23
N ASN A 75 -8.49 -24.68 21.40
CA ASN A 75 -7.97 -24.38 22.76
C ASN A 75 -9.08 -23.88 23.68
N GLU A 76 -10.03 -23.12 23.12
CA GLU A 76 -11.21 -22.62 23.90
C GLU A 76 -10.73 -21.59 24.92
N SER A 77 -9.41 -21.46 25.08
CA SER A 77 -8.87 -20.43 26.00
C SER A 77 -9.26 -19.04 25.50
N CYS A 78 -9.20 -18.83 24.19
CA CYS A 78 -9.49 -17.48 23.60
C CYS A 78 -10.93 -17.05 23.82
N LEU A 79 -11.88 -17.98 23.84
CA LEU A 79 -13.26 -17.57 24.28
C LEU A 79 -13.02 -16.97 25.67
N ASN A 80 -13.23 -15.67 25.85
CA ASN A 80 -12.83 -15.03 27.13
C ASN A 80 -13.90 -15.19 28.22
N SER A 81 -13.74 -16.18 29.11
CA SER A 81 -14.65 -16.34 30.26
C SER A 81 -16.12 -16.37 29.83
N ARG A 82 -16.43 -17.07 28.72
CA ARG A 82 -17.83 -17.13 28.22
C ARG A 82 -18.35 -15.69 28.09
N GLU A 83 -17.65 -14.84 27.36
CA GLU A 83 -18.04 -13.40 27.27
C GLU A 83 -19.47 -13.28 26.75
N THR A 84 -20.29 -12.41 27.37
CA THR A 84 -21.71 -12.22 26.95
C THR A 84 -22.35 -13.57 26.62
N SER A 85 -22.18 -14.56 27.50
CA SER A 85 -22.74 -15.91 27.23
C SER A 85 -24.22 -15.96 27.62
N PHE A 86 -25.04 -15.13 26.97
CA PHE A 86 -26.51 -15.14 27.23
C PHE A 86 -27.11 -16.46 26.74
N ILE A 87 -26.62 -16.96 25.59
CA ILE A 87 -27.17 -18.22 24.99
C ILE A 87 -28.70 -18.11 24.92
N THR A 88 -29.20 -17.13 24.16
CA THR A 88 -30.67 -16.96 24.00
C THR A 88 -31.21 -18.06 23.10
N ASN A 89 -32.27 -18.74 23.52
CA ASN A 89 -32.82 -19.88 22.72
C ASN A 89 -33.63 -19.29 21.57
N GLY A 90 -33.65 -19.98 20.42
CA GLY A 90 -34.32 -19.37 19.25
C GLY A 90 -34.80 -20.38 18.22
N SER A 91 -35.59 -19.91 17.26
CA SER A 91 -36.17 -20.80 16.21
C SER A 91 -35.13 -21.15 15.14
N CYS A 92 -33.98 -20.49 15.11
CA CYS A 92 -33.03 -20.78 13.99
C CYS A 92 -32.44 -22.16 14.22
N LEU A 93 -31.99 -22.44 15.44
CA LEU A 93 -31.48 -23.79 15.78
C LEU A 93 -32.52 -24.50 16.64
N ALA A 94 -32.19 -25.67 17.17
CA ALA A 94 -33.09 -26.35 18.14
C ALA A 94 -32.32 -26.38 19.46
N SER A 95 -33.00 -26.41 20.61
CA SER A 95 -32.28 -26.30 21.90
C SER A 95 -31.27 -27.44 22.10
N ARG A 96 -31.62 -28.66 21.68
CA ARG A 96 -30.73 -29.83 21.92
C ARG A 96 -29.98 -30.18 20.63
N LYS A 97 -29.96 -29.31 19.63
CA LYS A 97 -29.37 -29.69 18.32
C LYS A 97 -27.86 -29.45 18.20
N THR A 98 -27.36 -28.27 18.57
CA THR A 98 -25.93 -27.97 18.27
C THR A 98 -25.08 -27.61 19.50
N SER A 99 -23.75 -27.65 19.35
CA SER A 99 -22.81 -27.41 20.47
C SER A 99 -22.84 -25.95 20.94
N PHE A 100 -22.45 -25.71 22.19
CA PHE A 100 -22.42 -24.35 22.75
C PHE A 100 -21.66 -23.39 21.83
N MET A 101 -20.67 -23.89 21.09
CA MET A 101 -19.86 -22.92 20.30
C MET A 101 -20.76 -22.20 19.29
N MET A 102 -21.77 -22.90 18.78
CA MET A 102 -22.70 -22.30 17.78
C MET A 102 -23.86 -21.59 18.52
N ALA A 103 -24.19 -22.03 19.73
CA ALA A 103 -25.26 -21.38 20.51
C ALA A 103 -24.83 -19.96 20.92
N LEU A 104 -23.59 -19.82 21.38
CA LEU A 104 -23.05 -18.49 21.76
C LEU A 104 -22.98 -17.64 20.49
N CYS A 105 -22.57 -18.25 19.37
CA CYS A 105 -22.42 -17.51 18.09
C CYS A 105 -23.77 -16.93 17.66
N LEU A 106 -24.84 -17.73 17.73
CA LEU A 106 -26.17 -17.26 17.27
C LEU A 106 -26.64 -16.09 18.14
N SER A 107 -26.40 -16.18 19.46
CA SER A 107 -26.78 -15.07 20.37
C SER A 107 -25.99 -13.81 19.99
N SER A 108 -24.68 -13.94 19.78
CA SER A 108 -23.82 -12.78 19.44
C SER A 108 -24.26 -12.16 18.11
N ILE A 109 -24.62 -13.00 17.13
CA ILE A 109 -25.12 -12.48 15.81
C ILE A 109 -26.42 -11.70 16.04
N TYR A 110 -27.31 -12.22 16.89
CA TYR A 110 -28.57 -11.48 17.21
C TYR A 110 -28.21 -10.11 17.79
N GLU A 111 -27.22 -10.08 18.70
CA GLU A 111 -26.82 -8.81 19.36
C GLU A 111 -26.23 -7.86 18.32
N ASP A 112 -25.43 -8.38 17.38
CA ASP A 112 -24.82 -7.54 16.32
C ASP A 112 -25.93 -6.88 15.50
N LEU A 113 -26.98 -7.64 15.16
CA LEU A 113 -28.07 -7.10 14.32
C LEU A 113 -28.86 -6.05 15.12
N LYS A 114 -28.97 -6.25 16.44
CA LYS A 114 -29.72 -5.29 17.29
C LYS A 114 -28.95 -3.97 17.37
N MET A 115 -27.62 -4.05 17.53
CA MET A 115 -26.79 -2.81 17.62
C MET A 115 -26.88 -2.03 16.31
N TYR A 116 -26.86 -2.74 15.17
CA TYR A 116 -26.87 -2.05 13.85
C TYR A 116 -28.27 -1.49 13.56
N GLN A 117 -29.34 -2.25 13.82
CA GLN A 117 -30.70 -1.80 13.48
C GLN A 117 -31.03 -0.52 14.27
N VAL A 118 -30.66 -0.48 15.55
CA VAL A 118 -30.98 0.72 16.41
C VAL A 118 -30.26 1.93 15.79
N GLU A 119 -29.02 1.74 15.35
CA GLU A 119 -28.24 2.87 14.77
C GLU A 119 -28.82 3.24 13.39
N PHE A 120 -29.14 2.26 12.55
CA PHE A 120 -29.62 2.55 11.18
C PHE A 120 -30.92 3.36 11.25
N LYS A 121 -31.82 2.99 12.17
CA LYS A 121 -33.11 3.71 12.33
C LYS A 121 -32.84 5.16 12.75
N THR A 122 -31.86 5.38 13.63
CA THR A 122 -31.51 6.76 14.08
C THR A 122 -31.04 7.57 12.87
N MET A 123 -30.20 6.97 12.01
CA MET A 123 -29.68 7.69 10.82
C MET A 123 -30.82 8.00 9.87
N ASN A 124 -31.71 7.02 9.63
CA ASN A 124 -32.82 7.21 8.66
C ASN A 124 -33.72 8.37 9.13
N ALA A 125 -34.01 8.44 10.43
CA ALA A 125 -34.90 9.50 10.95
C ALA A 125 -34.27 10.88 10.69
N LYS A 126 -32.95 10.99 10.84
CA LYS A 126 -32.26 12.27 10.55
C LYS A 126 -32.25 12.55 9.04
N LEU A 127 -32.07 11.51 8.21
CA LEU A 127 -31.99 11.68 6.73
C LEU A 127 -33.31 12.22 6.16
N LEU A 128 -34.46 11.79 6.70
CA LEU A 128 -35.78 12.19 6.15
C LEU A 128 -35.96 13.72 6.22
N MET A 129 -35.41 14.37 7.23
CA MET A 129 -35.59 15.83 7.42
C MET A 129 -34.97 16.64 6.27
N ASP A 130 -34.07 16.02 5.49
CA ASP A 130 -33.37 16.76 4.40
C ASP A 130 -34.41 17.39 3.47
N PRO A 131 -34.29 18.69 3.11
CA PRO A 131 -35.20 19.31 2.13
C PRO A 131 -35.34 18.47 0.85
N LYS A 132 -34.24 17.92 0.35
CA LYS A 132 -34.30 17.04 -0.86
C LYS A 132 -34.24 15.61 -0.36
N ARG A 133 -34.33 14.61 -1.26
CA ARG A 133 -34.19 13.20 -0.82
C ARG A 133 -32.99 12.56 -1.51
N GLN A 134 -31.77 13.04 -1.21
CA GLN A 134 -30.56 12.52 -1.88
C GLN A 134 -30.38 11.03 -1.57
N ILE A 135 -30.53 10.64 -0.29
CA ILE A 135 -30.38 9.21 0.10
C ILE A 135 -31.17 8.90 1.38
N PHE A 136 -31.69 7.68 1.49
CA PHE A 136 -32.44 7.24 2.69
C PHE A 136 -32.25 5.73 2.81
N LEU A 137 -32.16 5.19 4.03
CA LEU A 137 -31.86 3.74 4.18
C LEU A 137 -32.99 2.88 3.61
N ASP A 138 -32.63 1.76 2.97
CA ASP A 138 -33.63 0.87 2.30
C ASP A 138 -34.56 0.25 3.35
N GLN A 139 -35.87 0.44 3.21
CA GLN A 139 -36.85 -0.13 4.17
C GLN A 139 -36.75 -1.66 4.09
N ASN A 140 -36.54 -2.21 2.89
CA ASN A 140 -36.48 -3.68 2.71
C ASN A 140 -35.30 -4.24 3.52
N MET A 141 -34.15 -3.55 3.47
CA MET A 141 -32.93 -4.05 4.19
C MET A 141 -33.23 -4.09 5.69
N LEU A 142 -33.87 -3.04 6.22
CA LEU A 142 -34.20 -2.98 7.67
C LEU A 142 -35.17 -4.11 8.01
N ALA A 143 -36.14 -4.38 7.15
CA ALA A 143 -37.13 -5.45 7.40
C ALA A 143 -36.42 -6.80 7.47
N VAL A 144 -35.45 -7.04 6.57
CA VAL A 144 -34.72 -8.33 6.55
C VAL A 144 -33.97 -8.50 7.87
N ILE A 145 -33.37 -7.42 8.38
CA ILE A 145 -32.60 -7.51 9.65
C ILE A 145 -33.55 -7.92 10.77
N ASP A 146 -34.74 -7.31 10.81
CA ASP A 146 -35.74 -7.64 11.86
C ASP A 146 -36.18 -9.11 11.72
N GLU A 147 -36.45 -9.56 10.50
CA GLU A 147 -36.96 -10.95 10.28
C GLU A 147 -35.92 -11.95 10.78
N LEU A 148 -34.64 -11.69 10.49
CA LEU A 148 -33.55 -12.63 10.89
C LEU A 148 -33.46 -12.65 12.42
N MET A 149 -33.57 -11.49 13.06
CA MET A 149 -33.49 -11.40 14.54
C MET A 149 -34.63 -12.18 15.18
N GLN A 150 -35.83 -12.12 14.58
CA GLN A 150 -37.01 -12.83 15.15
C GLN A 150 -36.71 -14.33 15.18
N ALA A 151 -36.14 -14.87 14.11
CA ALA A 151 -35.75 -16.30 14.07
C ALA A 151 -34.60 -16.57 15.06
N LEU A 152 -33.62 -15.67 15.14
CA LEU A 152 -32.43 -15.90 16.01
C LEU A 152 -32.81 -15.97 17.49
N ASN A 153 -33.73 -15.10 17.95
CA ASN A 153 -34.07 -15.06 19.40
C ASN A 153 -35.58 -14.84 19.54
N PHE A 154 -36.24 -15.63 20.39
CA PHE A 154 -37.71 -15.51 20.56
C PHE A 154 -38.03 -14.15 21.20
N ASN A 155 -37.20 -13.73 22.15
CA ASN A 155 -37.46 -12.45 22.86
C ASN A 155 -36.92 -11.30 22.02
N SER A 156 -37.40 -11.17 20.78
CA SER A 156 -36.94 -10.08 19.89
C SER A 156 -37.55 -8.77 20.38
N GLU A 157 -36.74 -7.71 20.40
CA GLU A 157 -37.31 -6.39 20.77
C GLU A 157 -37.39 -5.57 19.49
N THR A 158 -38.58 -5.07 19.15
CA THR A 158 -38.74 -4.19 17.96
C THR A 158 -38.37 -2.76 18.34
N VAL A 159 -37.45 -2.14 17.61
CA VAL A 159 -36.98 -0.76 17.95
C VAL A 159 -38.16 0.21 17.79
N PRO A 160 -38.42 1.12 18.76
CA PRO A 160 -39.49 2.11 18.63
C PRO A 160 -39.19 3.16 17.54
N GLN A 161 -40.24 3.67 16.87
CA GLN A 161 -40.06 4.73 15.84
C GLN A 161 -39.21 5.86 16.44
N LYS A 162 -38.12 6.25 15.79
CA LYS A 162 -37.23 7.27 16.37
C LYS A 162 -37.46 8.57 15.61
N SER A 163 -37.43 9.70 16.30
CA SER A 163 -37.57 11.02 15.63
C SER A 163 -36.83 12.09 16.44
N SER A 164 -36.57 13.25 15.82
CA SER A 164 -35.87 14.36 16.52
C SER A 164 -36.72 15.63 16.37
N LEU A 165 -36.60 16.55 17.33
CA LEU A 165 -37.39 17.81 17.27
C LEU A 165 -36.54 18.93 16.67
N GLU A 166 -35.33 18.59 16.20
CA GLU A 166 -34.41 19.60 15.61
C GLU A 166 -33.79 19.01 14.33
N GLU A 167 -33.00 19.80 13.60
CA GLU A 167 -32.39 19.32 12.34
C GLU A 167 -30.87 19.15 12.54
N PRO A 168 -30.31 17.94 12.36
CA PRO A 168 -28.86 17.69 12.49
C PRO A 168 -28.05 18.09 11.25
N ASP A 169 -26.72 18.25 11.40
CA ASP A 169 -25.88 18.51 10.21
C ASP A 169 -25.99 17.26 9.33
N PHE A 170 -26.14 17.42 8.01
CA PHE A 170 -26.37 16.24 7.14
C PHE A 170 -25.04 15.64 6.67
N TYR A 171 -24.01 16.46 6.54
CA TYR A 171 -22.71 15.94 6.02
C TYR A 171 -22.20 14.87 6.98
N LYS A 172 -22.27 15.12 8.28
CA LYS A 172 -21.72 14.16 9.28
C LYS A 172 -22.49 12.85 9.20
N THR A 173 -23.82 12.91 9.07
CA THR A 173 -24.65 11.69 8.98
C THR A 173 -24.27 10.90 7.71
N LYS A 174 -24.01 11.60 6.61
CA LYS A 174 -23.72 10.91 5.32
C LYS A 174 -22.32 10.28 5.35
N ILE A 175 -21.36 10.88 6.06
CA ILE A 175 -20.03 10.22 6.20
C ILE A 175 -20.14 9.01 7.12
N LYS A 176 -20.87 9.16 8.24
CA LYS A 176 -21.05 8.03 9.20
C LYS A 176 -21.79 6.89 8.50
N LEU A 177 -22.80 7.23 7.68
CA LEU A 177 -23.59 6.20 6.96
C LEU A 177 -22.63 5.34 6.12
N CYS A 178 -21.79 5.96 5.29
CA CYS A 178 -20.89 5.18 4.42
C CYS A 178 -20.00 4.29 5.29
N ILE A 179 -19.52 4.79 6.43
CA ILE A 179 -18.59 3.98 7.27
C ILE A 179 -19.35 2.77 7.78
N LEU A 180 -20.59 2.93 8.22
CA LEU A 180 -21.39 1.80 8.75
C LEU A 180 -21.73 0.79 7.66
N LEU A 181 -22.19 1.26 6.49
CA LEU A 181 -22.63 0.33 5.41
C LEU A 181 -21.50 -0.65 5.07
N HIS A 182 -20.28 -0.16 4.86
CA HIS A 182 -19.15 -1.04 4.46
C HIS A 182 -18.86 -2.05 5.57
N ALA A 183 -18.82 -1.60 6.83
CA ALA A 183 -18.54 -2.50 7.97
C ALA A 183 -19.66 -3.53 8.09
N PHE A 184 -20.91 -3.10 7.90
CA PHE A 184 -22.07 -4.02 8.00
C PHE A 184 -21.98 -5.09 6.92
N ARG A 185 -21.52 -4.72 5.72
CA ARG A 185 -21.45 -5.69 4.61
C ARG A 185 -20.49 -6.83 4.99
N ILE A 186 -19.36 -6.49 5.62
CA ILE A 186 -18.38 -7.53 6.06
C ILE A 186 -19.07 -8.42 7.11
N ARG A 187 -19.84 -7.81 8.02
CA ARG A 187 -20.57 -8.59 9.05
C ARG A 187 -21.57 -9.52 8.36
N ALA A 188 -22.25 -9.05 7.31
CA ALA A 188 -23.28 -9.85 6.62
C ALA A 188 -22.64 -11.12 6.00
N VAL A 189 -21.46 -10.99 5.40
CA VAL A 189 -20.78 -12.19 4.84
C VAL A 189 -20.44 -13.16 5.99
N THR A 190 -20.01 -12.63 7.15
CA THR A 190 -19.62 -13.51 8.29
C THR A 190 -20.85 -14.29 8.74
N ILE A 191 -22.01 -13.64 8.83
CA ILE A 191 -23.28 -14.35 9.21
C ILE A 191 -23.57 -15.41 8.14
N ASP A 192 -23.40 -15.07 6.87
CA ASP A 192 -23.74 -16.01 5.76
C ASP A 192 -22.86 -17.27 5.86
N ARG A 193 -21.56 -17.09 6.17
CA ARG A 193 -20.64 -18.25 6.27
C ARG A 193 -21.10 -19.18 7.39
N VAL A 194 -21.50 -18.60 8.54
CA VAL A 194 -21.95 -19.41 9.71
C VAL A 194 -23.22 -20.17 9.32
N MET A 195 -24.15 -19.49 8.64
CA MET A 195 -25.44 -20.14 8.27
C MET A 195 -25.17 -21.31 7.31
N SER A 196 -24.24 -21.12 6.37
CA SER A 196 -23.88 -22.21 5.43
C SER A 196 -23.29 -23.39 6.21
N TYR A 197 -22.44 -23.10 7.20
CA TYR A 197 -21.83 -24.19 8.01
C TYR A 197 -22.91 -24.94 8.80
N LEU A 198 -23.90 -24.22 9.34
CA LEU A 198 -25.00 -24.85 10.10
C LEU A 198 -25.80 -25.77 9.16
N ASN A 199 -26.08 -25.31 7.94
CA ASN A 199 -26.84 -26.12 6.96
C ASN A 199 -26.05 -27.39 6.59
N ALA A 200 -24.73 -27.26 6.42
CA ALA A 200 -23.90 -28.42 6.03
C ALA A 200 -22.92 -28.76 7.14
N ALA B 1 18.53 13.74 10.02
CA ALA B 1 18.93 13.27 11.36
C ALA B 1 19.75 11.98 11.22
N ILE B 2 20.38 11.53 12.31
CA ILE B 2 21.18 10.28 12.28
C ILE B 2 20.50 9.25 13.19
N TRP B 3 20.23 8.05 12.66
CA TRP B 3 19.59 6.97 13.46
C TRP B 3 20.26 5.63 13.10
N GLU B 4 20.20 4.64 13.98
CA GLU B 4 20.92 3.37 13.70
C GLU B 4 19.93 2.33 13.15
N LEU B 5 20.12 1.91 11.90
CA LEU B 5 19.27 0.83 11.33
C LEU B 5 19.55 -0.46 12.12
N LYS B 6 20.83 -0.71 12.43
CA LYS B 6 21.24 -1.92 13.20
C LYS B 6 22.59 -1.60 13.85
N LYS B 7 23.09 -2.45 14.75
CA LYS B 7 24.34 -2.10 15.47
C LYS B 7 25.47 -1.91 14.46
N ASP B 8 26.24 -0.81 14.59
CA ASP B 8 27.40 -0.53 13.69
C ASP B 8 26.92 0.01 12.32
N VAL B 9 25.61 0.22 12.15
CA VAL B 9 25.08 0.81 10.89
C VAL B 9 24.27 2.06 11.25
N TYR B 10 24.55 3.19 10.61
CA TYR B 10 23.87 4.46 10.98
C TYR B 10 23.37 5.16 9.71
N VAL B 11 22.06 5.19 9.50
CA VAL B 11 21.47 5.85 8.30
C VAL B 11 21.41 7.36 8.55
N VAL B 12 21.90 8.16 7.60
CA VAL B 12 21.91 9.64 7.75
C VAL B 12 20.95 10.24 6.72
N GLU B 13 20.04 11.12 7.15
CA GLU B 13 19.03 11.70 6.24
C GLU B 13 19.55 13.03 5.71
N LEU B 14 19.66 13.18 4.38
CA LEU B 14 20.25 14.42 3.80
C LEU B 14 19.33 15.02 2.74
N ASP B 15 19.18 16.35 2.73
CA ASP B 15 18.37 17.03 1.67
C ASP B 15 19.13 16.95 0.35
N TRP B 16 18.41 16.91 -0.78
CA TRP B 16 19.11 16.72 -2.09
C TRP B 16 18.87 17.91 -3.03
N TYR B 17 19.68 18.97 -2.89
CA TYR B 17 19.60 20.15 -3.78
C TYR B 17 21.04 20.60 -4.03
N PRO B 18 21.36 21.32 -5.14
CA PRO B 18 22.75 21.65 -5.46
C PRO B 18 23.45 22.52 -4.40
N ASP B 19 24.75 22.28 -4.18
CA ASP B 19 25.55 23.09 -3.21
C ASP B 19 24.91 23.04 -1.81
N ALA B 20 24.54 21.84 -1.34
CA ALA B 20 23.86 21.71 -0.04
C ALA B 20 24.85 21.52 1.13
N PRO B 21 24.81 22.30 2.25
CA PRO B 21 25.68 22.01 3.41
C PRO B 21 25.28 20.68 4.06
N GLY B 22 26.25 19.96 4.65
CA GLY B 22 25.95 18.65 5.25
C GLY B 22 25.65 18.74 6.74
N GLU B 23 24.92 17.76 7.28
CA GLU B 23 24.61 17.72 8.73
C GLU B 23 25.91 17.43 9.49
N MET B 24 26.15 18.09 10.62
CA MET B 24 27.34 17.77 11.45
C MET B 24 27.19 16.34 11.97
N VAL B 25 28.09 15.44 11.59
CA VAL B 25 27.97 14.01 11.99
C VAL B 25 29.09 13.65 12.97
N VAL B 26 28.75 13.04 14.10
CA VAL B 26 29.76 12.72 15.15
C VAL B 26 29.92 11.19 15.23
N LEU B 27 31.16 10.69 15.22
CA LEU B 27 31.42 9.23 15.27
C LEU B 27 31.98 8.88 16.64
N THR B 28 31.39 7.89 17.33
CA THR B 28 31.84 7.51 18.69
C THR B 28 32.13 6.00 18.73
N CYS B 29 33.10 5.58 19.54
CA CYS B 29 33.48 4.13 19.58
C CYS B 29 33.27 3.56 20.99
N ASP B 30 32.43 2.51 21.10
CA ASP B 30 32.18 1.86 22.41
C ASP B 30 33.28 0.84 22.68
N THR B 31 34.48 1.29 23.06
CA THR B 31 35.63 0.39 23.29
C THR B 31 36.37 0.87 24.54
N PRO B 32 37.26 0.07 25.18
CA PRO B 32 38.05 0.56 26.31
C PRO B 32 38.81 1.79 25.79
N GLU B 33 38.91 2.85 26.60
CA GLU B 33 39.51 4.11 26.11
C GLU B 33 40.95 3.87 25.65
N GLU B 34 41.29 4.36 24.45
CA GLU B 34 42.68 4.25 23.93
C GLU B 34 43.16 5.64 23.52
N ASP B 35 44.36 6.05 23.97
CA ASP B 35 44.91 7.36 23.56
C ASP B 35 45.57 7.22 22.18
N GLY B 36 45.01 7.87 21.15
CA GLY B 36 45.57 7.78 19.80
C GLY B 36 44.77 6.92 18.83
N ILE B 37 43.47 6.70 19.05
CA ILE B 37 42.69 5.95 18.01
C ILE B 37 42.83 6.66 16.66
N THR B 38 43.04 5.92 15.57
CA THR B 38 43.09 6.51 14.21
C THR B 38 41.82 6.13 13.46
N TRP B 39 41.50 6.79 12.34
CA TRP B 39 40.20 6.48 11.68
C TRP B 39 40.40 6.38 10.19
N THR B 40 39.96 5.31 9.51
CA THR B 40 40.06 5.28 8.04
C THR B 40 38.68 5.09 7.39
N LEU B 41 38.46 5.67 6.21
CA LEU B 41 37.18 5.43 5.47
C LEU B 41 37.45 4.39 4.39
N ASP B 42 38.38 4.68 3.48
CA ASP B 42 38.73 3.74 2.38
C ASP B 42 39.64 2.63 2.92
N GLN B 43 39.81 1.55 2.15
CA GLN B 43 40.71 0.43 2.54
C GLN B 43 42.15 0.97 2.62
N SER B 44 42.45 2.03 1.88
CA SER B 44 43.81 2.62 1.86
C SER B 44 44.18 3.15 3.25
N SER B 45 45.48 3.19 3.55
CA SER B 45 45.91 3.58 4.91
C SER B 45 45.85 5.09 5.07
N GLU B 46 45.20 5.78 4.14
CA GLU B 46 45.06 7.24 4.38
C GLU B 46 44.31 7.37 5.71
N VAL B 47 44.84 8.14 6.65
CA VAL B 47 44.21 8.26 8.00
C VAL B 47 43.36 9.52 8.00
N LEU B 48 42.07 9.40 8.34
CA LEU B 48 41.15 10.56 8.29
C LEU B 48 41.30 11.40 9.55
N GLY B 49 41.13 10.80 10.74
CA GLY B 49 41.16 11.58 11.99
C GLY B 49 41.77 10.81 13.15
N SER B 50 42.13 11.52 14.22
CA SER B 50 42.72 10.88 15.42
C SER B 50 41.82 11.14 16.64
N GLY B 51 41.91 10.28 17.66
CA GLY B 51 41.03 10.42 18.85
C GLY B 51 39.86 9.45 18.79
N LYS B 52 39.20 9.22 19.93
CA LYS B 52 38.07 8.24 19.99
C LYS B 52 36.86 8.82 19.26
N THR B 53 36.91 10.10 18.90
CA THR B 53 35.75 10.78 18.23
C THR B 53 36.19 11.33 16.87
N LEU B 54 35.39 11.07 15.82
CA LEU B 54 35.69 11.64 14.48
C LEU B 54 34.50 12.51 14.03
N THR B 55 34.77 13.73 13.55
CA THR B 55 33.67 14.59 13.04
C THR B 55 33.82 14.75 11.52
N ILE B 56 32.76 14.46 10.77
CA ILE B 56 32.81 14.55 9.27
C ILE B 56 31.38 14.72 8.73
N GLN B 57 31.07 15.90 8.20
CA GLN B 57 29.74 16.10 7.58
C GLN B 57 29.66 15.25 6.31
N VAL B 58 28.55 14.51 6.15
CA VAL B 58 28.38 13.68 4.92
C VAL B 58 27.74 14.54 3.83
N LYS B 59 28.51 15.42 3.21
CA LYS B 59 27.96 16.30 2.18
C LYS B 59 27.65 15.54 0.89
N GLU B 60 28.35 14.44 0.65
CA GLU B 60 28.09 13.64 -0.55
C GLU B 60 28.24 12.14 -0.29
N PHE B 61 27.90 11.32 -1.28
CA PHE B 61 27.95 9.85 -1.08
C PHE B 61 29.38 9.41 -0.79
N GLY B 62 30.36 10.02 -1.46
CA GLY B 62 31.78 9.69 -1.22
C GLY B 62 32.14 9.76 0.26
N ASP B 63 31.45 10.59 1.04
CA ASP B 63 31.80 10.76 2.48
C ASP B 63 31.06 9.75 3.32
N ALA B 64 30.30 8.82 2.72
CA ALA B 64 29.58 7.75 3.46
C ALA B 64 30.19 6.42 3.10
N GLY B 65 30.50 5.57 4.08
CA GLY B 65 31.18 4.28 3.82
C GLY B 65 31.59 3.64 5.12
N GLN B 66 32.40 2.59 5.11
CA GLN B 66 32.70 1.93 6.39
C GLN B 66 33.83 2.65 7.09
N TYR B 67 33.54 3.64 7.93
CA TYR B 67 34.64 4.25 8.73
C TYR B 67 35.17 3.14 9.66
N THR B 68 36.48 3.03 9.83
CA THR B 68 37.01 1.91 10.65
C THR B 68 37.60 2.46 11.95
N CYS B 69 37.21 1.88 13.08
CA CYS B 69 37.80 2.28 14.39
C CYS B 69 38.97 1.34 14.64
N HIS B 70 40.20 1.85 14.55
CA HIS B 70 41.39 0.96 14.69
C HIS B 70 42.44 1.67 15.54
N LYS B 71 42.98 0.97 16.55
CA LYS B 71 44.10 1.54 17.35
C LYS B 71 44.98 0.40 17.88
N GLY B 72 46.30 0.62 17.91
CA GLY B 72 47.23 -0.42 18.38
C GLY B 72 47.50 -1.39 17.26
N GLY B 73 47.00 -1.10 16.06
CA GLY B 73 47.15 -2.05 14.95
C GLY B 73 46.03 -3.07 14.95
N GLU B 74 45.05 -2.93 15.84
CA GLU B 74 43.88 -3.84 15.86
C GLU B 74 42.62 -3.00 15.62
N VAL B 75 41.66 -3.52 14.87
CA VAL B 75 40.49 -2.67 14.53
C VAL B 75 39.56 -2.79 15.74
N LEU B 76 39.54 -1.76 16.57
CA LEU B 76 38.66 -1.76 17.76
C LEU B 76 37.20 -1.95 17.34
N SER B 77 36.64 -1.06 16.50
CA SER B 77 35.20 -1.18 16.15
C SER B 77 34.97 -0.89 14.67
N HIS B 78 33.72 -0.87 14.23
CA HIS B 78 33.40 -0.54 12.82
C HIS B 78 32.22 0.44 12.74
N SER B 79 32.25 1.38 11.78
CA SER B 79 31.20 2.42 11.67
C SER B 79 30.70 2.54 10.23
N LEU B 80 29.89 1.59 9.76
CA LEU B 80 29.30 1.66 8.39
C LEU B 80 28.31 2.82 8.34
N LEU B 81 28.28 3.57 7.23
CA LEU B 81 27.35 4.72 7.09
C LEU B 81 26.38 4.48 5.92
N LEU B 82 25.09 4.71 6.14
CA LEU B 82 24.06 4.52 5.07
C LEU B 82 23.40 5.88 4.82
N LEU B 83 22.96 6.16 3.59
CA LEU B 83 22.40 7.50 3.27
C LEU B 83 20.94 7.40 2.83
N HIS B 84 20.05 8.21 3.43
CA HIS B 84 18.64 8.25 2.96
C HIS B 84 18.39 9.59 2.27
N LYS B 85 18.53 9.64 0.94
CA LYS B 85 18.38 10.93 0.22
C LYS B 85 16.95 11.44 0.34
N LYS B 86 16.78 12.75 0.53
CA LYS B 86 15.41 13.34 0.56
C LYS B 86 15.39 14.43 -0.52
N GLU B 87 14.49 14.32 -1.50
CA GLU B 87 14.51 15.32 -2.61
C GLU B 87 13.25 16.19 -2.52
N ASP B 88 13.42 17.50 -2.37
CA ASP B 88 12.27 18.44 -2.22
C ASP B 88 11.43 18.01 -1.01
N GLY B 89 12.08 17.50 0.04
CA GLY B 89 11.37 17.09 1.26
C GLY B 89 10.70 15.73 1.09
N ILE B 90 10.93 15.06 -0.03
CA ILE B 90 10.25 13.76 -0.32
C ILE B 90 11.29 12.64 -0.32
N TRP B 91 11.06 11.57 0.44
CA TRP B 91 12.02 10.44 0.52
C TRP B 91 12.26 9.84 -0.87
N SER B 92 13.52 9.58 -1.22
CA SER B 92 13.85 9.00 -2.55
C SER B 92 13.31 7.57 -2.67
N THR B 93 12.94 7.16 -3.89
CA THR B 93 12.49 5.77 -4.14
C THR B 93 13.19 5.27 -5.40
N ASP B 94 14.45 4.86 -5.31
CA ASP B 94 15.17 4.48 -6.56
C ASP B 94 15.39 2.98 -6.67
N ILE B 95 15.59 2.28 -5.55
CA ILE B 95 15.94 0.84 -5.65
C ILE B 95 14.83 0.03 -6.31
N LEU B 96 13.57 0.20 -5.91
CA LEU B 96 12.47 -0.64 -6.47
C LEU B 96 11.80 0.14 -7.59
N LYS B 97 10.90 -0.51 -8.34
CA LYS B 97 10.31 0.17 -9.52
C LYS B 97 8.80 0.22 -9.36
N ASP B 98 8.17 1.28 -9.85
CA ASP B 98 6.71 1.46 -9.66
C ASP B 98 5.96 0.61 -10.68
N GLN B 99 5.38 -0.51 -10.23
CA GLN B 99 4.55 -1.36 -11.11
C GLN B 99 3.35 -0.54 -11.60
N LYS B 100 2.63 0.12 -10.69
CA LYS B 100 1.51 1.04 -11.02
C LYS B 100 0.22 0.29 -11.35
N GLU B 101 0.20 -1.05 -11.25
CA GLU B 101 -1.02 -1.79 -11.68
C GLU B 101 -2.23 -1.42 -10.80
N PRO B 102 -2.16 -1.45 -9.44
CA PRO B 102 -3.29 -0.98 -8.60
C PRO B 102 -3.49 0.54 -8.68
N LYS B 103 -2.40 1.31 -8.63
CA LYS B 103 -2.47 2.80 -8.65
C LYS B 103 -1.02 3.30 -8.68
N ASN B 104 -0.81 4.62 -8.71
CA ASN B 104 0.56 5.19 -8.75
C ASN B 104 1.26 4.95 -7.40
N LYS B 105 2.59 5.03 -7.38
CA LYS B 105 3.38 4.86 -6.13
C LYS B 105 3.13 3.49 -5.49
N THR B 106 2.98 2.43 -6.31
CA THR B 106 2.84 1.06 -5.73
C THR B 106 4.11 0.27 -6.07
N PHE B 107 4.91 -0.07 -5.05
CA PHE B 107 6.19 -0.79 -5.30
C PHE B 107 6.10 -2.20 -4.72
N LEU B 108 5.11 -2.44 -3.85
CA LEU B 108 4.95 -3.77 -3.20
C LEU B 108 3.60 -4.37 -3.61
N ARG B 109 3.59 -5.61 -4.09
CA ARG B 109 2.33 -6.29 -4.48
C ARG B 109 2.25 -7.61 -3.72
N CYS B 110 1.27 -7.77 -2.82
CA CYS B 110 1.21 -8.99 -2.00
C CYS B 110 0.03 -9.85 -2.42
N GLU B 111 0.03 -11.16 -2.15
CA GLU B 111 -1.08 -12.08 -2.52
C GLU B 111 -1.18 -13.24 -1.54
N ALA B 112 -2.30 -13.94 -1.48
CA ALA B 112 -2.44 -15.13 -0.62
C ALA B 112 -3.30 -16.13 -1.36
N LYS B 113 -3.30 -17.40 -0.94
CA LYS B 113 -4.15 -18.43 -1.59
C LYS B 113 -5.02 -19.14 -0.53
N ASN B 114 -4.91 -18.73 0.73
CA ASN B 114 -5.65 -19.43 1.82
C ASN B 114 -6.04 -18.43 2.93
N TYR B 115 -7.00 -18.82 3.77
CA TYR B 115 -7.42 -17.95 4.91
C TYR B 115 -6.52 -18.26 6.12
N SER B 116 -5.55 -19.16 5.93
CA SER B 116 -4.61 -19.54 7.02
C SER B 116 -3.77 -18.32 7.44
N GLY B 117 -3.58 -17.36 6.54
CA GLY B 117 -2.73 -16.19 6.84
C GLY B 117 -1.36 -16.30 6.21
N ARG B 118 -1.12 -17.34 5.41
CA ARG B 118 0.17 -17.44 4.68
C ARG B 118 0.08 -16.55 3.44
N PHE B 119 1.03 -15.61 3.28
CA PHE B 119 0.99 -14.68 2.12
C PHE B 119 2.40 -14.42 1.58
N THR B 120 2.50 -14.04 0.31
CA THR B 120 3.83 -13.76 -0.31
C THR B 120 3.79 -12.39 -1.01
N CYS B 121 4.85 -11.59 -0.85
CA CYS B 121 4.89 -10.23 -1.44
C CYS B 121 5.99 -10.14 -2.51
N TRP B 122 5.67 -9.64 -3.71
CA TRP B 122 6.65 -9.56 -4.82
C TRP B 122 7.03 -8.11 -5.08
N TRP B 123 8.33 -7.80 -5.12
CA TRP B 123 8.76 -6.42 -5.49
C TRP B 123 9.75 -6.50 -6.66
N LEU B 124 9.55 -5.66 -7.68
CA LEU B 124 10.43 -5.71 -8.89
C LEU B 124 11.50 -4.63 -8.78
N THR B 125 12.78 -5.01 -8.80
CA THR B 125 13.88 -4.02 -8.76
C THR B 125 14.84 -4.22 -9.91
N THR B 126 15.36 -3.13 -10.49
CA THR B 126 16.22 -3.28 -11.69
C THR B 126 17.72 -3.22 -11.34
N ILE B 127 18.08 -3.22 -10.07
CA ILE B 127 19.51 -3.11 -9.66
C ILE B 127 20.08 -4.53 -9.61
N SER B 128 21.02 -4.84 -10.49
CA SER B 128 21.54 -6.23 -10.60
C SER B 128 22.32 -6.74 -9.38
N THR B 129 23.22 -5.94 -8.81
CA THR B 129 24.09 -6.47 -7.72
C THR B 129 24.15 -5.50 -6.53
N ASP B 130 24.76 -5.94 -5.42
CA ASP B 130 24.90 -5.04 -4.25
C ASP B 130 23.53 -4.66 -3.70
N LEU B 131 22.59 -5.60 -3.69
CA LEU B 131 21.21 -5.30 -3.23
C LEU B 131 20.82 -6.20 -2.06
N THR B 132 20.35 -5.62 -0.95
CA THR B 132 19.90 -6.42 0.21
C THR B 132 18.55 -5.87 0.71
N PHE B 133 17.66 -6.75 1.17
CA PHE B 133 16.31 -6.31 1.61
C PHE B 133 16.03 -6.80 3.04
N SER B 134 15.51 -5.92 3.91
CA SER B 134 15.12 -6.34 5.28
C SER B 134 13.59 -6.31 5.36
N VAL B 135 12.95 -7.42 5.73
CA VAL B 135 11.46 -7.47 5.71
C VAL B 135 10.91 -7.68 7.13
N LYS B 136 9.98 -6.81 7.57
CA LYS B 136 9.33 -6.98 8.90
C LYS B 136 7.81 -6.78 8.75
N SER B 137 7.00 -7.53 9.51
CA SER B 137 5.52 -7.44 9.35
C SER B 137 4.81 -7.54 10.70
N SER B 138 3.60 -6.99 10.81
CA SER B 138 2.80 -7.06 12.07
C SER B 138 1.32 -6.77 11.77
N ARG B 139 0.40 -7.34 12.55
CA ARG B 139 -1.04 -7.05 12.37
C ARG B 139 -1.29 -5.77 13.12
N GLY B 140 -1.66 -4.70 12.41
CA GLY B 140 -1.78 -3.40 13.07
C GLY B 140 -0.45 -3.07 13.72
N SER B 141 -0.45 -2.62 14.97
CA SER B 141 0.84 -2.42 15.68
C SER B 141 0.77 -3.17 17.01
N SER B 142 -0.44 -3.56 17.41
CA SER B 142 -0.65 -4.20 18.73
C SER B 142 0.08 -5.53 18.85
N ASP B 143 0.09 -6.36 17.80
CA ASP B 143 0.68 -7.71 17.94
C ASP B 143 2.20 -7.64 17.90
N PRO B 144 2.91 -8.01 18.98
CA PRO B 144 4.37 -8.04 18.99
C PRO B 144 4.80 -9.44 18.54
N GLN B 145 5.59 -9.51 17.48
CA GLN B 145 5.93 -10.82 16.86
C GLN B 145 4.63 -11.41 16.30
N GLY B 146 3.75 -10.55 15.78
CA GLY B 146 2.50 -11.04 15.14
C GLY B 146 2.77 -11.85 13.89
N VAL B 147 3.71 -11.43 13.04
CA VAL B 147 3.92 -12.13 11.73
C VAL B 147 5.37 -12.56 11.63
N THR B 148 5.66 -13.72 11.04
CA THR B 148 7.05 -14.24 11.03
C THR B 148 7.60 -14.18 9.62
N CYS B 149 7.91 -12.99 9.11
CA CYS B 149 8.34 -12.90 7.69
C CYS B 149 9.65 -13.65 7.45
N GLY B 150 9.74 -14.34 6.31
CA GLY B 150 10.93 -15.11 5.92
C GLY B 150 11.94 -14.21 5.25
N ALA B 151 12.84 -14.77 4.45
CA ALA B 151 13.92 -13.93 3.91
C ALA B 151 13.76 -13.72 2.40
N ALA B 152 14.11 -12.53 1.91
CA ALA B 152 13.92 -12.23 0.48
C ALA B 152 14.74 -13.19 -0.37
N THR B 153 14.18 -13.61 -1.50
CA THR B 153 14.90 -14.52 -2.44
C THR B 153 14.69 -14.02 -3.86
N LEU B 154 15.71 -14.03 -4.73
CA LEU B 154 15.43 -13.63 -6.13
C LEU B 154 14.51 -14.69 -6.70
N SER B 155 13.54 -14.30 -7.51
CA SER B 155 12.56 -15.29 -8.00
C SER B 155 12.67 -15.42 -9.52
N ALA B 156 12.71 -14.32 -10.26
CA ALA B 156 12.71 -14.42 -11.74
C ALA B 156 13.65 -13.37 -12.34
N GLU B 157 14.09 -13.58 -13.58
CA GLU B 157 14.96 -12.58 -14.26
C GLU B 157 14.42 -12.29 -15.65
N ARG B 158 13.24 -11.67 -15.72
CA ARG B 158 12.60 -11.43 -17.04
C ARG B 158 13.33 -10.31 -17.78
N VAL B 159 13.13 -10.19 -19.09
CA VAL B 159 13.75 -9.10 -19.89
C VAL B 159 12.68 -8.10 -20.35
N ARG B 160 12.18 -7.27 -19.46
CA ARG B 160 11.23 -6.21 -19.90
C ARG B 160 12.09 -5.14 -20.57
N GLY B 161 11.76 -4.76 -21.81
CA GLY B 161 12.66 -3.82 -22.50
C GLY B 161 14.04 -4.45 -22.58
N ASP B 162 15.09 -3.74 -22.15
CA ASP B 162 16.43 -4.36 -22.07
C ASP B 162 16.89 -4.34 -20.61
N ASN B 163 16.10 -3.75 -19.73
CA ASN B 163 16.53 -3.56 -18.31
C ASN B 163 16.70 -4.89 -17.57
N LYS B 164 15.93 -5.90 -17.92
CA LYS B 164 15.99 -7.20 -17.21
C LYS B 164 15.58 -7.02 -15.74
N GLU B 165 14.35 -6.61 -15.47
CA GLU B 165 13.89 -6.48 -14.08
C GLU B 165 14.00 -7.81 -13.35
N TYR B 166 14.46 -7.81 -12.10
CA TYR B 166 14.58 -9.04 -11.28
C TYR B 166 13.51 -8.97 -10.18
N GLU B 167 12.75 -10.05 -9.96
CA GLU B 167 11.64 -10.01 -8.97
C GLU B 167 12.05 -10.71 -7.68
N TYR B 168 11.97 -10.02 -6.54
CA TYR B 168 12.35 -10.61 -5.22
C TYR B 168 11.11 -10.74 -4.35
N SER B 169 10.93 -11.89 -3.68
CA SER B 169 9.68 -12.11 -2.91
C SER B 169 9.97 -12.65 -1.50
N VAL B 170 9.05 -12.42 -0.56
CA VAL B 170 9.23 -12.92 0.85
C VAL B 170 8.05 -13.83 1.19
N GLU B 171 8.26 -14.80 2.07
CA GLU B 171 7.13 -15.67 2.52
C GLU B 171 6.81 -15.32 3.97
N CYS B 172 5.58 -14.86 4.25
CA CYS B 172 5.22 -14.43 5.62
C CYS B 172 3.97 -15.18 6.09
N GLN B 173 3.99 -15.69 7.32
CA GLN B 173 2.83 -16.45 7.85
C GLN B 173 2.33 -15.78 9.14
N GLU B 174 1.04 -15.47 9.22
CA GLU B 174 0.47 -14.90 10.47
C GLU B 174 0.69 -15.91 11.59
N ASP B 175 1.48 -15.54 12.60
CA ASP B 175 1.84 -16.51 13.67
C ASP B 175 0.85 -16.44 14.83
N SER B 176 -0.26 -15.73 14.66
CA SER B 176 -1.30 -15.66 15.72
C SER B 176 -1.95 -17.03 15.92
N ALA B 177 -1.84 -17.58 17.14
CA ALA B 177 -2.46 -18.88 17.44
C ALA B 177 -3.99 -18.79 17.43
N CYS B 178 -4.56 -17.72 17.99
CA CYS B 178 -6.04 -17.65 18.13
C CYS B 178 -6.70 -17.50 16.76
N PRO B 179 -7.66 -18.36 16.38
CA PRO B 179 -8.37 -18.20 15.13
C PRO B 179 -9.39 -17.09 15.32
N ALA B 180 -9.66 -16.29 14.29
CA ALA B 180 -10.71 -15.25 14.38
C ALA B 180 -11.49 -15.20 13.08
N ALA B 181 -12.80 -14.99 13.18
CA ALA B 181 -13.66 -15.00 11.97
C ALA B 181 -13.36 -13.82 11.05
N GLU B 182 -13.22 -12.61 11.60
CA GLU B 182 -13.06 -11.42 10.71
C GLU B 182 -11.87 -10.57 11.16
N GLU B 183 -11.20 -9.93 10.21
CA GLU B 183 -9.98 -9.15 10.52
C GLU B 183 -10.39 -7.70 10.73
N SER B 184 -9.89 -7.07 11.80
CA SER B 184 -10.20 -5.63 12.07
C SER B 184 -8.98 -4.76 11.77
N LEU B 185 -7.79 -5.35 11.72
CA LEU B 185 -6.54 -4.57 11.51
C LEU B 185 -5.85 -5.02 10.21
N PRO B 186 -5.41 -4.10 9.32
CA PRO B 186 -4.67 -4.49 8.12
C PRO B 186 -3.24 -4.95 8.45
N ILE B 187 -2.76 -6.00 7.78
CA ILE B 187 -1.35 -6.45 7.97
C ILE B 187 -0.43 -5.43 7.31
N GLU B 188 0.67 -5.05 7.96
CA GLU B 188 1.58 -4.02 7.42
C GLU B 188 2.95 -4.66 7.14
N VAL B 189 3.48 -4.49 5.93
CA VAL B 189 4.80 -5.09 5.55
C VAL B 189 5.78 -3.96 5.20
N MET B 190 6.98 -3.97 5.80
CA MET B 190 8.00 -2.92 5.53
C MET B 190 9.24 -3.57 4.92
N VAL B 191 9.69 -3.09 3.75
CA VAL B 191 10.94 -3.63 3.14
C VAL B 191 12.01 -2.56 3.23
N ASP B 192 13.10 -2.81 3.95
CA ASP B 192 14.18 -1.82 4.12
C ASP B 192 15.23 -2.02 3.05
N ALA B 193 14.94 -1.62 1.83
CA ALA B 193 15.89 -1.87 0.73
C ALA B 193 17.20 -1.20 1.04
N VAL B 194 18.30 -1.90 0.81
CA VAL B 194 19.65 -1.31 0.99
C VAL B 194 20.50 -1.59 -0.25
N HIS B 195 21.13 -0.57 -0.82
CA HIS B 195 22.04 -0.76 -1.98
C HIS B 195 23.32 0.03 -1.72
N LYS B 196 24.46 -0.65 -1.55
CA LYS B 196 25.73 0.08 -1.36
C LYS B 196 25.56 1.02 -0.16
N LEU B 197 25.74 2.33 -0.39
CA LEU B 197 25.64 3.33 0.72
C LEU B 197 24.27 4.02 0.71
N LYS B 198 23.29 3.49 -0.03
CA LYS B 198 21.95 4.14 -0.13
C LYS B 198 20.89 3.29 0.58
N TYR B 199 20.08 3.91 1.45
CA TYR B 199 19.00 3.18 2.17
C TYR B 199 17.61 3.71 1.78
N GLU B 200 16.66 2.81 1.51
CA GLU B 200 15.26 3.23 1.19
C GLU B 200 14.30 2.32 1.98
N ASN B 201 13.11 2.80 2.34
CA ASN B 201 12.12 1.89 3.01
C ASN B 201 10.74 2.01 2.36
N TYR B 202 10.02 0.89 2.24
CA TYR B 202 8.68 0.89 1.58
C TYR B 202 7.66 0.21 2.50
N THR B 203 6.48 0.82 2.68
CA THR B 203 5.45 0.25 3.60
C THR B 203 4.16 -0.08 2.83
N SER B 204 3.61 -1.29 3.00
CA SER B 204 2.33 -1.67 2.34
C SER B 204 1.33 -2.18 3.39
N SER B 205 0.09 -1.72 3.35
CA SER B 205 -0.96 -2.18 4.30
C SER B 205 -2.09 -2.85 3.52
N PHE B 206 -2.56 -4.02 3.97
CA PHE B 206 -3.57 -4.78 3.17
C PHE B 206 -4.35 -5.76 4.06
N PHE B 207 -5.41 -6.37 3.51
CA PHE B 207 -6.18 -7.41 4.25
C PHE B 207 -6.00 -8.74 3.50
N ILE B 208 -6.00 -9.88 4.21
CA ILE B 208 -5.75 -11.18 3.56
C ILE B 208 -6.85 -11.46 2.52
N ARG B 209 -8.11 -11.16 2.86
CA ARG B 209 -9.24 -11.47 1.95
C ARG B 209 -9.07 -10.69 0.64
N ASP B 210 -8.67 -9.42 0.72
CA ASP B 210 -8.51 -8.58 -0.50
C ASP B 210 -7.41 -9.14 -1.40
N ILE B 211 -6.29 -9.59 -0.82
CA ILE B 211 -5.14 -10.05 -1.65
C ILE B 211 -5.28 -11.51 -2.05
N ILE B 212 -6.30 -12.22 -1.55
CA ILE B 212 -6.42 -13.68 -1.82
C ILE B 212 -6.57 -13.92 -3.33
N LYS B 213 -5.83 -14.90 -3.86
CA LYS B 213 -5.97 -15.28 -5.29
C LYS B 213 -6.10 -16.82 -5.34
N PRO B 214 -7.25 -17.44 -5.69
CA PRO B 214 -7.37 -18.90 -5.59
C PRO B 214 -6.49 -19.63 -6.60
N ASP B 215 -6.06 -20.86 -6.29
CA ASP B 215 -5.30 -21.68 -7.28
C ASP B 215 -6.32 -22.30 -8.25
N PRO B 216 -5.92 -22.77 -9.46
CA PRO B 216 -6.88 -23.27 -10.46
C PRO B 216 -7.71 -24.49 -10.01
N PRO B 217 -8.96 -24.65 -10.49
CA PRO B 217 -9.83 -25.75 -10.05
C PRO B 217 -9.18 -27.12 -10.32
N LYS B 218 -9.39 -28.07 -9.40
CA LYS B 218 -8.67 -29.38 -9.52
C LYS B 218 -9.54 -30.50 -10.08
N ASN B 219 -8.94 -31.45 -10.81
CA ASN B 219 -9.64 -32.66 -11.32
C ASN B 219 -10.76 -32.28 -12.28
N LEU B 220 -10.51 -31.36 -13.21
CA LEU B 220 -11.55 -31.02 -14.20
C LEU B 220 -11.65 -32.16 -15.21
N GLN B 221 -12.86 -32.72 -15.41
CA GLN B 221 -13.07 -33.84 -16.36
C GLN B 221 -14.37 -33.61 -17.11
N LEU B 222 -14.45 -34.02 -18.38
CA LEU B 222 -15.69 -33.86 -19.17
C LEU B 222 -16.36 -35.23 -19.37
N LYS B 223 -17.65 -35.34 -19.05
CA LYS B 223 -18.38 -36.62 -19.15
C LYS B 223 -19.56 -36.45 -20.10
N PRO B 224 -19.57 -36.94 -21.38
CA PRO B 224 -20.69 -36.65 -22.28
C PRO B 224 -21.99 -37.32 -21.78
N LEU B 225 -23.10 -36.59 -21.82
CA LEU B 225 -24.41 -37.21 -21.45
C LEU B 225 -24.79 -38.19 -22.56
N LYS B 226 -25.40 -39.32 -22.20
CA LYS B 226 -25.71 -40.37 -23.23
C LYS B 226 -26.71 -39.81 -24.24
N ASN B 227 -26.43 -40.00 -25.52
CA ASN B 227 -27.39 -39.61 -26.59
C ASN B 227 -27.89 -38.18 -26.36
N SER B 228 -26.99 -37.22 -26.20
CA SER B 228 -27.38 -35.79 -26.13
C SER B 228 -26.21 -34.98 -26.67
N ARG B 229 -26.50 -33.82 -27.26
CA ARG B 229 -25.40 -32.95 -27.77
C ARG B 229 -24.58 -32.36 -26.63
N GLN B 230 -25.20 -31.97 -25.51
CA GLN B 230 -24.49 -31.29 -24.40
C GLN B 230 -23.48 -32.21 -23.70
N VAL B 231 -22.46 -31.67 -23.01
CA VAL B 231 -21.51 -32.54 -22.25
C VAL B 231 -21.42 -32.03 -20.81
N GLU B 232 -21.68 -32.90 -19.82
CA GLU B 232 -21.54 -32.49 -18.40
C GLU B 232 -20.05 -32.38 -18.06
N VAL B 233 -19.66 -31.32 -17.35
CA VAL B 233 -18.23 -31.16 -16.92
C VAL B 233 -18.20 -31.05 -15.40
N SER B 234 -17.36 -31.84 -14.73
CA SER B 234 -17.31 -31.84 -13.25
C SER B 234 -15.92 -31.44 -12.74
N TRP B 235 -15.86 -30.54 -11.77
CA TRP B 235 -14.57 -30.07 -11.20
C TRP B 235 -14.60 -30.20 -9.68
N GLU B 236 -13.45 -30.09 -9.00
CA GLU B 236 -13.38 -30.26 -7.53
C GLU B 236 -12.65 -29.09 -6.87
N TYR B 237 -12.88 -28.86 -5.58
CA TYR B 237 -12.24 -27.73 -4.84
C TYR B 237 -10.73 -27.94 -4.69
N PRO B 238 -9.84 -26.90 -4.78
CA PRO B 238 -8.41 -27.13 -4.57
C PRO B 238 -8.08 -27.55 -3.12
N ASP B 239 -7.15 -28.51 -2.97
CA ASP B 239 -6.75 -29.01 -1.62
C ASP B 239 -6.11 -27.87 -0.83
N THR B 240 -5.30 -27.02 -1.49
CA THR B 240 -4.57 -25.92 -0.81
C THR B 240 -5.58 -24.96 -0.15
N TRP B 241 -6.73 -24.75 -0.78
CA TRP B 241 -7.73 -23.77 -0.26
C TRP B 241 -8.16 -24.17 1.15
N SER B 242 -8.40 -23.19 2.02
CA SER B 242 -8.74 -23.44 3.45
C SER B 242 -9.96 -24.36 3.61
N THR B 243 -10.01 -25.11 4.72
CA THR B 243 -11.14 -26.04 4.99
C THR B 243 -11.73 -25.69 6.36
N PRO B 244 -13.04 -25.91 6.63
CA PRO B 244 -13.95 -26.62 5.73
C PRO B 244 -14.37 -25.85 4.46
N HIS B 245 -14.80 -26.57 3.44
CA HIS B 245 -15.20 -25.90 2.16
C HIS B 245 -16.59 -25.30 2.31
N SER B 246 -17.32 -25.61 3.37
CA SER B 246 -18.64 -24.95 3.57
C SER B 246 -18.51 -23.49 4.05
N TYR B 247 -17.69 -23.23 5.06
CA TYR B 247 -17.56 -21.87 5.63
C TYR B 247 -16.87 -20.98 4.60
N PHE B 248 -15.84 -21.49 3.94
CA PHE B 248 -15.11 -20.70 2.90
C PHE B 248 -15.53 -21.21 1.53
N SER B 249 -16.16 -20.40 0.70
CA SER B 249 -16.74 -20.94 -0.57
C SER B 249 -16.19 -20.22 -1.80
N LEU B 250 -16.23 -20.87 -2.96
CA LEU B 250 -15.66 -20.27 -4.20
C LEU B 250 -16.74 -20.25 -5.29
N THR B 251 -16.60 -19.35 -6.27
CA THR B 251 -17.55 -19.29 -7.41
C THR B 251 -16.80 -19.64 -8.69
N PHE B 252 -17.33 -20.56 -9.49
CA PHE B 252 -16.61 -21.03 -10.70
C PHE B 252 -17.20 -20.36 -11.95
N CYS B 253 -16.35 -19.72 -12.75
CA CYS B 253 -16.83 -19.13 -14.02
C CYS B 253 -16.30 -20.01 -15.16
N VAL B 254 -17.20 -20.53 -16.00
CA VAL B 254 -16.79 -21.47 -17.09
C VAL B 254 -16.89 -20.77 -18.45
N GLN B 255 -15.77 -20.60 -19.15
CA GLN B 255 -15.81 -19.99 -20.52
C GLN B 255 -15.48 -21.08 -21.55
N VAL B 256 -16.34 -21.24 -22.56
CA VAL B 256 -16.16 -22.33 -23.57
C VAL B 256 -15.66 -21.75 -24.90
N GLN B 257 -15.21 -20.49 -24.90
CA GLN B 257 -14.79 -19.84 -26.17
C GLN B 257 -13.64 -20.63 -26.81
N GLY B 258 -12.66 -21.05 -26.00
CA GLY B 258 -11.49 -21.78 -26.53
C GLY B 258 -10.96 -21.13 -27.80
N LYS B 259 -11.00 -21.84 -28.93
CA LYS B 259 -10.58 -21.25 -30.23
C LYS B 259 -11.49 -21.79 -31.33
N GLU B 263 -20.45 -16.21 -28.63
CA GLU B 263 -19.25 -16.96 -29.07
C GLU B 263 -18.03 -16.26 -28.48
N LYS B 264 -18.02 -14.92 -28.49
CA LYS B 264 -16.90 -14.16 -27.86
C LYS B 264 -16.91 -14.49 -26.37
N LYS B 265 -18.08 -14.50 -25.74
CA LYS B 265 -18.16 -14.71 -24.26
C LYS B 265 -19.09 -15.89 -23.95
N ASP B 266 -18.51 -17.06 -23.67
CA ASP B 266 -19.33 -18.24 -23.29
C ASP B 266 -19.26 -18.38 -21.77
N ARG B 267 -18.77 -17.34 -21.08
CA ARG B 267 -18.58 -17.42 -19.60
C ARG B 267 -19.92 -17.65 -18.89
N VAL B 268 -19.98 -18.65 -18.00
CA VAL B 268 -21.21 -18.92 -17.20
C VAL B 268 -20.77 -19.04 -15.74
N PHE B 269 -21.41 -18.34 -14.82
CA PHE B 269 -20.98 -18.37 -13.40
C PHE B 269 -21.81 -19.41 -12.66
N THR B 270 -21.18 -20.50 -12.21
CA THR B 270 -21.94 -21.60 -11.54
C THR B 270 -21.35 -21.88 -10.15
N ASP B 271 -22.17 -21.76 -9.10
CA ASP B 271 -21.72 -22.15 -7.74
C ASP B 271 -21.51 -23.67 -7.72
N LYS B 272 -22.35 -24.41 -8.46
CA LYS B 272 -22.30 -25.90 -8.46
C LYS B 272 -20.97 -26.40 -9.02
N THR B 273 -20.53 -27.57 -8.56
CA THR B 273 -19.21 -28.12 -8.99
C THR B 273 -19.33 -28.86 -10.33
N SER B 274 -20.53 -28.93 -10.90
CA SER B 274 -20.68 -29.56 -12.25
C SER B 274 -21.63 -28.75 -13.13
N ALA B 275 -21.17 -28.31 -14.32
CA ALA B 275 -22.08 -27.61 -15.24
C ALA B 275 -22.07 -28.27 -16.62
N THR B 276 -23.15 -28.12 -17.40
CA THR B 276 -23.27 -28.82 -18.70
C THR B 276 -23.21 -27.82 -19.85
N VAL B 277 -22.25 -27.98 -20.76
CA VAL B 277 -22.09 -26.99 -21.85
C VAL B 277 -21.92 -27.70 -23.20
N ILE B 278 -22.61 -27.19 -24.22
CA ILE B 278 -22.53 -27.81 -25.57
C ILE B 278 -21.07 -27.71 -26.01
N CYS B 279 -20.48 -28.79 -26.53
CA CYS B 279 -19.04 -28.68 -26.84
C CYS B 279 -18.82 -28.67 -28.35
N ARG B 280 -18.35 -27.54 -28.88
CA ARG B 280 -17.99 -27.52 -30.32
C ARG B 280 -16.70 -28.34 -30.42
N LYS B 281 -16.53 -29.13 -31.46
CA LYS B 281 -15.33 -30.02 -31.55
C LYS B 281 -14.08 -29.15 -31.58
N ASN B 282 -14.15 -27.97 -32.20
CA ASN B 282 -12.94 -27.13 -32.36
C ASN B 282 -12.77 -26.10 -31.24
N ALA B 283 -13.05 -26.45 -29.97
CA ALA B 283 -12.77 -25.48 -28.88
C ALA B 283 -12.38 -26.13 -27.57
N SER B 284 -11.77 -25.36 -26.65
CA SER B 284 -11.43 -25.87 -25.29
C SER B 284 -12.41 -25.31 -24.26
N ILE B 285 -12.66 -26.05 -23.18
CA ILE B 285 -13.53 -25.54 -22.08
C ILE B 285 -12.63 -25.17 -20.90
N SER B 286 -12.77 -23.96 -20.37
CA SER B 286 -11.85 -23.49 -19.29
C SER B 286 -12.64 -23.03 -18.06
N VAL B 287 -12.11 -23.24 -16.86
CA VAL B 287 -12.84 -22.87 -15.60
C VAL B 287 -11.96 -21.94 -14.76
N ARG B 288 -12.57 -21.00 -14.02
CA ARG B 288 -11.82 -20.07 -13.15
C ARG B 288 -12.45 -20.05 -11.75
N ALA B 289 -11.67 -19.74 -10.71
CA ALA B 289 -12.20 -19.76 -9.33
C ALA B 289 -12.01 -18.38 -8.67
N GLN B 290 -13.04 -17.88 -7.99
CA GLN B 290 -12.93 -16.59 -7.24
C GLN B 290 -13.59 -16.78 -5.87
N ASP B 291 -13.22 -15.99 -4.86
CA ASP B 291 -13.95 -16.11 -3.58
C ASP B 291 -15.41 -15.74 -3.85
N ARG B 292 -16.35 -16.61 -3.45
CA ARG B 292 -17.79 -16.35 -3.66
C ARG B 292 -18.24 -15.16 -2.81
N TYR B 293 -17.80 -15.12 -1.56
CA TYR B 293 -18.29 -14.08 -0.61
C TYR B 293 -17.85 -12.65 -0.95
N TYR B 294 -16.56 -12.44 -1.23
CA TYR B 294 -16.03 -11.08 -1.49
C TYR B 294 -15.37 -11.05 -2.86
N SER B 295 -15.20 -9.86 -3.44
CA SER B 295 -14.48 -9.73 -4.74
C SER B 295 -12.99 -10.07 -4.53
N SER B 296 -12.47 -11.03 -5.29
CA SER B 296 -11.04 -11.45 -5.16
C SER B 296 -10.40 -11.57 -6.54
N SER B 297 -9.07 -11.57 -6.61
CA SER B 297 -8.39 -11.75 -7.92
C SER B 297 -8.79 -13.10 -8.52
N TRP B 298 -9.10 -13.13 -9.82
CA TRP B 298 -9.56 -14.39 -10.47
C TRP B 298 -8.41 -15.40 -10.57
N SER B 299 -8.73 -16.69 -10.47
CA SER B 299 -7.69 -17.76 -10.53
C SER B 299 -7.18 -17.96 -11.97
N GLU B 300 -6.11 -18.73 -12.15
CA GLU B 300 -5.63 -19.03 -13.53
C GLU B 300 -6.63 -19.98 -14.19
N TRP B 301 -6.86 -19.83 -15.50
CA TRP B 301 -7.84 -20.69 -16.22
C TRP B 301 -7.39 -22.14 -16.18
N ALA B 302 -8.31 -23.09 -15.96
CA ALA B 302 -7.96 -24.52 -16.05
C ALA B 302 -8.60 -25.04 -17.34
N SER B 303 -7.79 -25.51 -18.29
CA SER B 303 -8.37 -25.89 -19.61
C SER B 303 -8.25 -27.38 -19.89
N VAL B 304 -9.36 -28.03 -20.29
CA VAL B 304 -9.31 -29.46 -20.68
C VAL B 304 -9.74 -29.54 -22.15
N PRO B 305 -8.98 -30.22 -23.04
CA PRO B 305 -9.31 -30.25 -24.48
C PRO B 305 -10.68 -30.90 -24.73
N CYS B 306 -11.46 -30.33 -25.66
CA CYS B 306 -12.81 -30.88 -25.95
C CYS B 306 -12.93 -31.13 -27.46
N LYS C 1 -18.26 5.25 19.45
CA LYS C 1 -18.82 6.43 18.74
C LYS C 1 -18.14 6.56 17.38
N ILE C 2 -18.82 6.15 16.29
CA ILE C 2 -18.19 6.39 14.96
C ILE C 2 -18.04 7.90 14.87
N ASP C 3 -16.89 8.40 14.45
CA ASP C 3 -16.77 9.86 14.27
C ASP C 3 -16.49 10.15 12.80
N ALA C 4 -17.36 10.92 12.16
CA ALA C 4 -17.15 11.29 10.75
C ALA C 4 -15.93 12.18 10.63
N CYS C 5 -15.77 13.11 11.57
CA CYS C 5 -14.65 14.07 11.46
C CYS C 5 -13.63 13.82 12.57
N LYS C 6 -12.40 13.45 12.20
CA LYS C 6 -11.35 13.17 13.20
C LYS C 6 -10.21 14.17 13.02
N ARG C 7 -9.58 14.21 11.84
CA ARG C 7 -8.41 15.10 11.66
C ARG C 7 -8.72 16.51 12.14
N GLY C 8 -9.91 17.04 11.85
CA GLY C 8 -10.24 18.43 12.21
C GLY C 8 -11.73 18.69 12.22
N ASP C 9 -12.16 19.86 12.74
CA ASP C 9 -13.60 20.21 12.79
C ASP C 9 -13.83 21.53 12.06
N VAL C 10 -14.98 21.66 11.37
CA VAL C 10 -15.32 22.91 10.62
C VAL C 10 -16.59 23.53 11.22
N THR C 11 -16.57 24.84 11.47
CA THR C 11 -17.75 25.53 12.08
C THR C 11 -18.38 26.48 11.05
N VAL C 12 -19.68 26.80 11.22
CA VAL C 12 -20.39 27.71 10.28
C VAL C 12 -21.11 28.80 11.09
N LYS C 13 -20.98 30.06 10.68
CA LYS C 13 -21.60 31.19 11.41
C LYS C 13 -22.58 31.91 10.48
N PRO C 14 -23.82 32.29 10.94
CA PRO C 14 -24.38 31.79 12.20
C PRO C 14 -24.72 30.30 12.27
N SER C 15 -25.30 29.73 11.20
CA SER C 15 -25.77 28.31 11.25
C SER C 15 -25.85 27.73 9.83
N HIS C 16 -26.05 26.41 9.72
CA HIS C 16 -26.23 25.76 8.39
C HIS C 16 -27.48 26.32 7.72
N VAL C 17 -28.55 26.56 8.48
CA VAL C 17 -29.77 27.18 7.89
C VAL C 17 -29.62 28.71 7.96
N ILE C 18 -29.70 29.39 6.82
CA ILE C 18 -29.56 30.88 6.78
C ILE C 18 -30.65 31.46 5.88
N LEU C 19 -31.06 32.70 6.13
CA LEU C 19 -32.05 33.38 5.25
C LEU C 19 -31.39 33.69 3.91
N LEU C 20 -32.15 33.62 2.81
CA LEU C 20 -31.59 33.94 1.46
C LEU C 20 -30.98 35.34 1.50
N GLY C 21 -29.69 35.47 1.19
CA GLY C 21 -29.02 36.78 1.17
C GLY C 21 -27.95 36.88 2.24
N SER C 22 -28.01 36.05 3.27
CA SER C 22 -27.03 36.14 4.39
C SER C 22 -25.67 35.56 4.00
N THR C 23 -24.62 35.89 4.77
CA THR C 23 -23.24 35.42 4.46
C THR C 23 -22.75 34.48 5.56
N VAL C 24 -22.20 33.33 5.21
CA VAL C 24 -21.80 32.31 6.22
C VAL C 24 -20.29 32.35 6.42
N ASN C 25 -19.82 32.30 7.66
CA ASN C 25 -18.36 32.24 7.95
C ASN C 25 -17.92 30.78 8.12
N ILE C 26 -17.71 30.04 7.02
CA ILE C 26 -17.21 28.65 7.13
C ILE C 26 -15.76 28.73 7.58
N THR C 27 -15.43 28.13 8.73
CA THR C 27 -14.05 28.18 9.26
C THR C 27 -13.55 26.74 9.50
N CYS C 28 -12.49 26.33 8.80
CA CYS C 28 -11.94 24.95 8.97
C CYS C 28 -10.79 25.00 9.97
N SER C 29 -10.90 24.25 11.07
CA SER C 29 -9.85 24.28 12.12
C SER C 29 -9.28 22.86 12.31
N LEU C 30 -7.95 22.75 12.42
CA LEU C 30 -7.31 21.42 12.55
C LEU C 30 -6.85 21.20 13.98
N LYS C 31 -7.17 20.03 14.56
CA LYS C 31 -6.73 19.71 15.94
C LYS C 31 -5.20 19.64 15.96
N PRO C 32 -4.52 20.08 17.04
CA PRO C 32 -3.05 20.14 17.05
C PRO C 32 -2.38 18.77 16.88
N ARG C 33 -2.92 17.73 17.51
CA ARG C 33 -2.29 16.37 17.42
C ARG C 33 -2.31 15.89 15.96
N GLN C 34 -3.41 16.10 15.24
CA GLN C 34 -3.49 15.71 13.81
C GLN C 34 -2.77 16.76 12.94
N GLY C 35 -2.36 16.39 11.73
CA GLY C 35 -1.70 17.35 10.82
C GLY C 35 -0.83 16.62 9.81
N CYS C 36 -0.07 17.39 9.01
CA CYS C 36 0.84 16.77 8.02
C CYS C 36 1.99 16.16 8.83
N PHE C 37 2.35 14.91 8.54
CA PHE C 37 3.39 14.19 9.33
C PHE C 37 4.73 14.90 9.21
N HIS C 38 5.07 15.41 8.02
CA HIS C 38 6.33 16.17 7.84
C HIS C 38 6.02 17.66 7.65
N TYR C 39 6.45 18.52 8.57
CA TYR C 39 6.18 19.96 8.31
C TYR C 39 6.94 20.38 7.06
N SER C 40 6.25 21.07 6.14
CA SER C 40 6.90 21.59 4.93
C SER C 40 6.10 22.82 4.50
N ARG C 41 6.73 23.81 3.88
CA ARG C 41 5.89 24.93 3.39
C ARG C 41 5.45 24.59 1.97
N ARG C 42 4.78 23.44 1.81
CA ARG C 42 4.22 23.02 0.49
C ARG C 42 2.81 22.50 0.76
N ASN C 43 2.61 21.87 1.92
CA ASN C 43 1.28 21.29 2.28
C ASN C 43 0.25 22.42 2.48
N LYS C 44 -1.00 22.18 2.08
CA LYS C 44 -2.05 23.22 2.18
C LYS C 44 -3.32 22.65 2.81
N LEU C 45 -4.23 23.53 3.25
CA LEU C 45 -5.53 23.10 3.85
C LEU C 45 -6.63 23.71 2.97
N ILE C 46 -6.99 23.05 1.88
CA ILE C 46 -7.94 23.65 0.90
C ILE C 46 -9.38 23.58 1.37
N LEU C 47 -10.26 24.45 0.88
CA LEU C 47 -11.73 24.36 1.17
C LEU C 47 -12.41 24.32 -0.20
N TYR C 48 -13.31 23.36 -0.41
CA TYR C 48 -13.93 23.18 -1.76
C TYR C 48 -15.46 23.24 -1.68
N LYS C 49 -16.10 23.97 -2.60
CA LYS C 49 -17.58 23.94 -2.67
C LYS C 49 -17.94 23.13 -3.92
N PHE C 50 -18.63 21.99 -3.75
CA PHE C 50 -18.89 21.10 -4.92
C PHE C 50 -17.56 20.76 -5.59
N ASP C 51 -16.52 20.49 -4.79
CA ASP C 51 -15.16 20.17 -5.30
C ASP C 51 -14.60 21.34 -6.11
N ARG C 52 -14.88 22.59 -5.71
CA ARG C 52 -14.28 23.76 -6.39
C ARG C 52 -13.48 24.56 -5.35
N ARG C 53 -12.20 24.83 -5.61
CA ARG C 53 -11.34 25.50 -4.59
C ARG C 53 -11.83 26.92 -4.30
N ILE C 54 -12.03 27.24 -3.02
CA ILE C 54 -12.41 28.63 -2.63
C ILE C 54 -11.29 29.28 -1.80
N ASN C 55 -10.46 28.51 -1.08
CA ASN C 55 -9.43 29.14 -0.21
C ASN C 55 -8.29 28.16 0.05
N PHE C 56 -7.13 28.63 0.54
CA PHE C 56 -6.04 27.70 0.91
C PHE C 56 -5.11 28.37 1.93
N HIS C 57 -4.99 27.77 3.12
CA HIS C 57 -4.10 28.32 4.17
C HIS C 57 -3.12 27.24 4.64
N HIS C 58 -1.82 27.57 4.70
CA HIS C 58 -0.80 26.61 5.23
C HIS C 58 -1.11 26.32 6.71
N GLY C 59 -1.52 27.35 7.45
CA GLY C 59 -1.79 27.19 8.90
C GLY C 59 -3.02 26.35 9.18
N HIS C 60 -3.11 25.76 10.38
CA HIS C 60 -4.24 24.86 10.73
C HIS C 60 -5.58 25.62 10.69
N SER C 61 -5.56 26.91 11.04
CA SER C 61 -6.82 27.71 11.07
C SER C 61 -7.10 28.34 9.70
N LEU C 62 -8.22 27.96 9.06
CA LEU C 62 -8.60 28.55 7.75
C LEU C 62 -9.95 29.26 7.90
N ASN C 63 -10.04 30.52 7.46
CA ASN C 63 -11.28 31.32 7.61
C ASN C 63 -11.82 31.72 6.23
N SER C 64 -13.12 31.52 5.98
CA SER C 64 -13.74 31.93 4.69
C SER C 64 -15.09 32.62 4.94
N GLN C 65 -15.49 33.56 4.07
CA GLN C 65 -16.80 34.23 4.21
C GLN C 65 -17.55 34.17 2.86
N VAL C 66 -18.19 33.04 2.56
CA VAL C 66 -18.92 32.87 1.27
C VAL C 66 -20.14 33.80 1.26
N THR C 67 -20.47 34.37 0.10
CA THR C 67 -21.60 35.34 0.00
C THR C 67 -22.47 35.01 -1.22
N GLY C 68 -23.64 35.65 -1.34
CA GLY C 68 -24.53 35.43 -2.50
C GLY C 68 -24.81 33.96 -2.75
N LEU C 69 -24.98 33.17 -1.69
CA LEU C 69 -25.32 31.74 -1.85
C LEU C 69 -26.73 31.61 -2.46
N PRO C 70 -27.00 30.80 -3.51
CA PRO C 70 -28.37 30.71 -4.05
C PRO C 70 -29.25 29.78 -3.20
N LEU C 71 -30.56 29.70 -3.46
CA LEU C 71 -31.41 28.73 -2.72
C LEU C 71 -30.95 27.31 -3.01
N GLY C 72 -30.82 26.45 -1.99
CA GLY C 72 -30.40 25.05 -2.18
C GLY C 72 -29.42 24.60 -1.12
N THR C 73 -28.65 23.52 -1.36
CA THR C 73 -27.64 23.03 -0.41
C THR C 73 -26.27 23.07 -1.07
N THR C 74 -25.24 23.61 -0.42
CA THR C 74 -23.88 23.65 -1.00
C THR C 74 -22.93 22.89 -0.08
N LEU C 75 -22.21 21.90 -0.59
CA LEU C 75 -21.36 21.07 0.29
C LEU C 75 -19.99 21.70 0.34
N PHE C 76 -19.60 22.27 1.46
CA PHE C 76 -18.24 22.82 1.56
C PHE C 76 -17.36 21.80 2.26
N VAL C 77 -16.44 21.15 1.56
CA VAL C 77 -15.60 20.06 2.13
C VAL C 77 -14.19 20.63 2.27
N CYS C 78 -13.53 20.42 3.39
CA CYS C 78 -12.19 21.03 3.66
C CYS C 78 -11.15 19.93 3.67
N LYS C 79 -10.40 19.74 2.58
CA LYS C 79 -9.45 18.59 2.49
C LYS C 79 -8.04 19.04 2.87
N LEU C 80 -7.16 18.09 3.23
CA LEU C 80 -5.76 18.41 3.57
C LEU C 80 -4.87 17.87 2.45
N ALA C 81 -4.05 18.73 1.82
CA ALA C 81 -3.10 18.22 0.81
C ALA C 81 -1.71 18.26 1.45
N CYS C 82 -1.03 17.10 1.51
CA CYS C 82 0.35 17.06 2.08
C CYS C 82 1.37 17.21 0.95
N ILE C 83 2.64 16.88 1.20
CA ILE C 83 3.67 17.15 0.15
C ILE C 83 3.62 16.15 -1.01
N ASN C 84 3.50 14.85 -0.72
CA ASN C 84 3.56 13.84 -1.81
C ASN C 84 2.33 12.95 -1.70
N SER C 85 1.85 12.76 -0.47
CA SER C 85 0.60 11.96 -0.26
C SER C 85 -0.63 12.61 -0.89
N ASP C 86 -1.64 11.81 -1.23
CA ASP C 86 -2.90 12.34 -1.84
C ASP C 86 -3.73 13.08 -0.77
N GLU C 87 -4.65 13.94 -1.22
CA GLU C 87 -5.46 14.77 -0.29
C GLU C 87 -6.33 13.86 0.59
N ILE C 88 -6.36 14.12 1.90
CA ILE C 88 -7.24 13.34 2.81
C ILE C 88 -8.41 14.26 3.19
N GLN C 89 -9.65 13.83 2.93
CA GLN C 89 -10.82 14.64 3.36
C GLN C 89 -10.80 14.69 4.88
N ILE C 90 -10.99 15.89 5.45
CA ILE C 90 -10.87 16.02 6.93
C ILE C 90 -12.27 16.16 7.55
N CYS C 91 -13.02 17.17 7.11
CA CYS C 91 -14.40 17.39 7.60
C CYS C 91 -15.12 18.29 6.60
N GLY C 92 -16.45 18.41 6.69
CA GLY C 92 -17.21 19.24 5.74
C GLY C 92 -18.51 19.75 6.36
N ALA C 93 -19.15 20.72 5.71
CA ALA C 93 -20.43 21.27 6.20
C ALA C 93 -21.45 21.33 5.06
N GLU C 94 -22.72 20.99 5.34
CA GLU C 94 -23.77 21.13 4.29
C GLU C 94 -24.65 22.32 4.67
N ILE C 95 -24.77 23.32 3.79
CA ILE C 95 -25.53 24.56 4.15
C ILE C 95 -26.84 24.59 3.35
N PHE C 96 -27.97 24.74 4.02
CA PHE C 96 -29.28 24.84 3.32
C PHE C 96 -29.72 26.30 3.34
N VAL C 97 -29.66 26.98 2.19
CA VAL C 97 -30.13 28.40 2.12
C VAL C 97 -31.65 28.37 1.97
N GLY C 98 -32.37 29.05 2.86
CA GLY C 98 -33.84 28.99 2.85
C GLY C 98 -34.46 30.37 2.96
N ARG D 2 36.25 0.06 -9.50
CA ARG D 2 36.86 -0.05 -10.85
C ARG D 2 35.83 -0.63 -11.82
N THR D 3 34.77 -1.25 -11.30
CA THR D 3 33.81 -1.91 -12.21
C THR D 3 32.62 -0.99 -12.45
N SER D 4 32.52 -0.39 -13.65
CA SER D 4 31.41 0.56 -13.97
C SER D 4 31.36 1.67 -12.93
N GLU D 5 32.53 2.03 -12.39
CA GLU D 5 32.62 3.09 -11.35
C GLU D 5 33.94 3.81 -11.58
N CYS D 6 34.03 5.09 -11.22
CA CYS D 6 35.27 5.86 -11.53
C CYS D 6 36.48 5.31 -10.76
N CYS D 7 37.66 5.33 -11.39
CA CYS D 7 38.89 4.90 -10.69
C CYS D 7 39.72 6.15 -10.38
N PHE D 8 40.00 6.41 -9.10
CA PHE D 8 40.75 7.63 -8.69
C PHE D 8 42.20 7.58 -9.18
N GLN D 9 42.74 6.37 -9.40
CA GLN D 9 44.15 6.22 -9.82
C GLN D 9 44.36 6.88 -11.18
N ASP D 10 45.57 7.37 -11.45
CA ASP D 10 45.86 8.09 -12.73
C ASP D 10 45.68 7.15 -13.93
N PRO D 11 45.28 7.65 -15.12
CA PRO D 11 45.03 6.80 -16.28
C PRO D 11 46.30 6.06 -16.73
N PRO D 12 46.19 4.82 -17.29
CA PRO D 12 47.37 4.03 -17.64
C PRO D 12 48.31 4.65 -18.69
N TYR D 13 47.76 5.32 -19.71
CA TYR D 13 48.62 5.85 -20.79
C TYR D 13 49.62 6.86 -20.22
N PRO D 14 50.93 6.75 -20.56
CA PRO D 14 51.96 7.63 -20.00
C PRO D 14 51.85 9.12 -20.36
N ASP D 15 51.51 9.44 -21.63
CA ASP D 15 51.51 10.85 -22.06
C ASP D 15 50.10 11.30 -22.46
N ALA D 16 49.64 12.42 -21.93
CA ALA D 16 48.31 12.97 -22.30
C ALA D 16 48.50 14.11 -23.32
N ASP D 17 49.73 14.31 -23.80
CA ASP D 17 50.04 15.42 -24.75
C ASP D 17 49.04 15.44 -25.92
N SER D 18 48.58 16.63 -26.31
CA SER D 18 47.62 16.77 -27.44
C SER D 18 48.23 16.09 -28.67
N GLY D 19 47.45 15.26 -29.39
CA GLY D 19 48.04 14.48 -30.48
C GLY D 19 47.90 15.06 -31.88
N SER D 20 46.71 15.51 -32.28
CA SER D 20 46.52 15.92 -33.69
C SER D 20 45.35 16.91 -33.84
N ALA D 21 45.14 17.43 -35.04
CA ALA D 21 44.02 18.36 -35.30
C ALA D 21 42.72 17.65 -34.95
N SER D 22 42.61 16.35 -35.23
CA SER D 22 41.31 15.69 -34.98
C SER D 22 41.06 15.52 -33.47
N GLY D 23 40.01 16.12 -32.93
CA GLY D 23 39.76 16.03 -31.48
C GLY D 23 38.32 15.68 -31.16
N PRO D 24 38.03 15.00 -30.02
CA PRO D 24 36.65 14.73 -29.62
C PRO D 24 36.00 16.09 -29.34
N ARG D 25 34.71 16.24 -29.65
CA ARG D 25 34.06 17.58 -29.52
C ARG D 25 32.61 17.43 -29.04
N ASP D 26 31.98 18.54 -28.64
CA ASP D 26 30.55 18.55 -28.21
C ASP D 26 30.33 17.67 -26.99
N LEU D 27 31.25 17.68 -26.02
CA LEU D 27 31.01 16.91 -24.77
C LEU D 27 29.86 17.61 -24.01
N ARG D 28 28.80 16.84 -23.69
CA ARG D 28 27.58 17.39 -23.02
C ARG D 28 26.98 16.35 -22.07
N CYS D 29 26.62 16.74 -20.85
CA CYS D 29 26.11 15.75 -19.85
C CYS D 29 24.69 16.14 -19.43
N TYR D 30 23.76 15.18 -19.44
CA TYR D 30 22.34 15.47 -19.13
C TYR D 30 21.79 14.42 -18.16
N ARG D 31 20.74 14.76 -17.43
CA ARG D 31 20.16 13.84 -16.42
C ARG D 31 19.03 13.03 -17.05
N ILE D 32 19.27 11.76 -17.38
CA ILE D 32 18.21 10.89 -17.95
C ILE D 32 17.12 10.65 -16.90
N SER D 33 17.51 10.41 -15.64
CA SER D 33 16.53 10.08 -14.57
C SER D 33 17.09 10.57 -13.23
N SER D 34 16.34 10.40 -12.14
CA SER D 34 16.79 10.93 -10.83
C SER D 34 18.16 10.33 -10.48
N ASP D 35 18.36 9.05 -10.78
CA ASP D 35 19.66 8.40 -10.51
C ASP D 35 20.31 7.89 -11.80
N ARG D 36 19.87 8.37 -12.98
CA ARG D 36 20.55 7.96 -14.23
C ARG D 36 21.06 9.20 -14.95
N TYR D 37 22.27 9.14 -15.53
CA TYR D 37 22.86 10.31 -16.24
C TYR D 37 23.54 9.82 -17.53
N GLU D 38 23.78 10.72 -18.48
CA GLU D 38 24.47 10.32 -19.73
C GLU D 38 25.32 11.47 -20.29
N CYS D 39 26.54 11.15 -20.74
CA CYS D 39 27.42 12.19 -21.35
C CYS D 39 27.72 11.78 -22.80
N SER D 40 27.57 12.70 -23.74
CA SER D 40 27.77 12.37 -25.18
C SER D 40 28.92 13.19 -25.77
N TRP D 41 29.86 12.53 -26.46
CA TRP D 41 31.00 13.24 -27.10
C TRP D 41 31.18 12.72 -28.53
N GLN D 42 31.56 13.60 -29.47
CA GLN D 42 31.69 13.17 -30.89
C GLN D 42 33.15 13.31 -31.34
N TYR D 43 33.75 12.21 -31.82
CA TYR D 43 35.16 12.27 -32.32
C TYR D 43 35.14 12.66 -33.81
N GLU D 44 35.94 13.66 -34.18
CA GLU D 44 35.95 14.16 -35.57
C GLU D 44 36.63 13.14 -36.50
N GLY D 45 37.71 12.51 -36.07
CA GLY D 45 38.43 11.59 -36.98
C GLY D 45 38.20 10.12 -36.65
N PRO D 46 37.71 9.29 -37.59
CA PRO D 46 37.40 7.88 -37.30
C PRO D 46 38.58 6.91 -37.24
N THR D 47 38.45 5.82 -36.46
CA THR D 47 39.54 4.82 -36.32
C THR D 47 38.91 3.47 -35.95
N ALA D 48 39.40 2.37 -36.54
CA ALA D 48 38.89 1.02 -36.20
C ALA D 48 39.20 0.69 -34.74
N GLY D 49 40.39 1.07 -34.25
CA GLY D 49 40.81 0.71 -32.88
C GLY D 49 40.65 1.84 -31.89
N VAL D 50 39.88 2.88 -32.23
CA VAL D 50 39.77 4.08 -31.33
C VAL D 50 39.22 3.66 -29.96
N SER D 51 39.81 4.17 -28.88
CA SER D 51 39.31 3.88 -27.51
C SER D 51 38.94 5.20 -26.83
N HIS D 52 37.76 5.28 -26.22
CA HIS D 52 37.29 6.56 -25.63
C HIS D 52 37.35 6.49 -24.10
N PHE D 53 37.90 7.53 -23.46
CA PHE D 53 37.94 7.57 -21.97
C PHE D 53 37.34 8.90 -21.49
N LEU D 54 36.47 8.83 -20.47
CA LEU D 54 35.86 10.06 -19.89
C LEU D 54 36.58 10.36 -18.57
N ARG D 55 37.50 11.33 -18.58
CA ARG D 55 38.26 11.66 -17.34
C ARG D 55 37.68 12.93 -16.72
N CYS D 56 37.28 12.85 -15.45
CA CYS D 56 36.64 14.02 -14.79
C CYS D 56 37.52 14.47 -13.62
N CYS D 57 37.14 15.58 -12.96
CA CYS D 57 37.90 16.06 -11.78
C CYS D 57 36.92 16.70 -10.79
N LEU D 58 36.91 16.25 -9.54
CA LEU D 58 35.98 16.78 -8.51
C LEU D 58 36.45 18.13 -7.98
N SER D 59 35.61 18.81 -7.18
CA SER D 59 36.00 20.11 -6.57
C SER D 59 37.23 19.89 -5.69
N SER D 60 37.32 18.73 -5.02
CA SER D 60 38.48 18.40 -4.17
C SER D 60 39.76 18.39 -5.02
N GLY D 61 39.64 18.08 -6.31
CA GLY D 61 40.81 18.01 -7.21
C GLY D 61 41.32 16.59 -7.37
N ARG D 62 40.60 15.61 -6.80
CA ARG D 62 40.96 14.19 -7.00
C ARG D 62 40.45 13.75 -8.38
N CYS D 63 41.12 14.17 -9.46
CA CYS D 63 40.66 13.82 -10.82
C CYS D 63 40.62 12.30 -10.96
N CYS D 64 39.57 11.75 -11.58
CA CYS D 64 39.44 10.28 -11.75
C CYS D 64 39.01 9.97 -13.18
N TYR D 65 39.31 8.78 -13.70
CA TYR D 65 39.01 8.48 -15.12
C TYR D 65 38.01 7.31 -15.24
N PHE D 66 36.96 7.48 -16.05
CA PHE D 66 36.02 6.35 -16.32
C PHE D 66 36.62 5.48 -17.42
N ALA D 67 36.21 4.21 -17.51
CA ALA D 67 36.69 3.33 -18.59
C ALA D 67 35.55 3.03 -19.57
N ALA D 68 35.78 3.29 -20.86
CA ALA D 68 34.74 3.03 -21.89
C ALA D 68 35.40 2.46 -23.15
N GLY D 69 34.66 1.73 -23.98
CA GLY D 69 35.26 1.07 -25.16
C GLY D 69 34.56 1.43 -26.45
N SER D 70 35.13 2.37 -27.21
CA SER D 70 34.54 2.81 -28.49
C SER D 70 33.06 3.14 -28.31
N ALA D 71 32.76 4.11 -27.45
CA ALA D 71 31.36 4.56 -27.27
C ALA D 71 31.32 6.09 -27.24
N THR D 72 30.27 6.70 -27.75
CA THR D 72 30.14 8.16 -27.63
C THR D 72 29.33 8.47 -26.38
N ARG D 73 28.85 7.45 -25.68
CA ARG D 73 27.98 7.72 -24.52
C ARG D 73 28.29 6.80 -23.35
N LEU D 74 28.14 7.31 -22.13
CA LEU D 74 28.34 6.49 -20.91
C LEU D 74 27.13 6.81 -20.02
N GLN D 75 26.73 5.91 -19.15
CA GLN D 75 25.63 6.22 -18.23
C GLN D 75 26.11 5.87 -16.82
N PHE D 76 25.96 6.78 -15.89
CA PHE D 76 26.50 6.53 -14.54
C PHE D 76 25.44 6.84 -13.49
N SER D 77 25.61 6.33 -12.26
CA SER D 77 24.61 6.56 -11.19
C SER D 77 25.23 7.40 -10.05
N ASP D 78 24.42 7.79 -9.09
CA ASP D 78 24.89 8.68 -8.06
C ASP D 78 26.17 8.23 -7.41
N GLN D 79 26.46 6.94 -7.41
CA GLN D 79 27.57 6.45 -6.67
C GLN D 79 28.71 6.03 -7.53
N ALA D 80 28.76 6.49 -8.75
CA ALA D 80 29.88 6.17 -9.58
C ALA D 80 31.10 6.75 -8.99
N GLY D 81 30.98 7.91 -8.42
CA GLY D 81 32.12 8.58 -7.85
C GLY D 81 32.02 10.03 -8.19
N VAL D 82 31.23 10.37 -9.17
CA VAL D 82 31.12 11.73 -9.56
C VAL D 82 30.10 12.38 -8.72
N SER D 83 30.37 13.58 -8.25
CA SER D 83 29.41 14.37 -7.49
C SER D 83 28.20 14.87 -8.22
N VAL D 84 27.01 14.54 -7.80
CA VAL D 84 25.88 14.95 -8.56
C VAL D 84 25.13 16.07 -7.93
N LEU D 85 25.70 16.74 -6.97
CA LEU D 85 25.11 17.94 -6.32
C LEU D 85 26.05 19.14 -6.44
N TYR D 86 27.35 18.94 -6.24
CA TYR D 86 28.33 20.07 -6.26
C TYR D 86 28.98 20.19 -7.64
N THR D 87 29.72 21.28 -7.89
CA THR D 87 30.35 21.49 -9.21
C THR D 87 31.37 20.38 -9.51
N VAL D 88 31.45 19.94 -10.77
CA VAL D 88 32.37 18.84 -11.17
C VAL D 88 32.76 19.04 -12.64
N THR D 89 34.04 19.17 -12.95
CA THR D 89 34.47 19.30 -14.36
C THR D 89 34.37 17.93 -15.02
N LEU D 90 34.32 17.85 -16.35
CA LEU D 90 34.30 16.57 -17.11
C LEU D 90 35.04 16.80 -18.43
N TRP D 91 35.94 15.90 -18.84
CA TRP D 91 36.59 16.03 -20.18
C TRP D 91 36.80 14.64 -20.80
N VAL D 92 36.98 14.58 -22.12
CA VAL D 92 37.11 13.25 -22.81
C VAL D 92 38.51 13.14 -23.44
N GLU D 93 39.15 11.98 -23.26
CA GLU D 93 40.48 11.73 -23.91
C GLU D 93 40.38 10.44 -24.71
N SER D 94 40.89 10.44 -25.95
CA SER D 94 40.89 9.20 -26.78
C SER D 94 42.30 8.84 -27.26
N TRP D 95 42.76 7.61 -27.04
CA TRP D 95 44.08 7.15 -27.51
C TRP D 95 43.92 6.49 -28.88
N ALA D 96 43.90 7.26 -29.96
CA ALA D 96 43.84 6.64 -31.30
C ALA D 96 45.10 7.02 -32.09
N ARG D 97 45.74 6.04 -32.75
CA ARG D 97 47.01 6.28 -33.49
C ARG D 97 48.17 6.47 -32.50
N ASN D 98 47.98 6.06 -31.24
CA ASN D 98 49.00 6.23 -30.19
C ASN D 98 49.12 7.71 -29.81
N GLN D 99 48.14 8.53 -30.19
CA GLN D 99 48.13 9.95 -29.75
C GLN D 99 46.82 10.25 -28.98
N THR D 100 46.91 10.85 -27.79
CA THR D 100 45.71 11.09 -26.93
C THR D 100 45.22 12.52 -27.14
N GLU D 101 44.04 12.69 -27.73
CA GLU D 101 43.47 14.05 -27.97
C GLU D 101 42.45 14.35 -26.87
N LYS D 102 42.29 15.62 -26.49
CA LYS D 102 41.38 15.95 -25.35
C LYS D 102 40.19 16.79 -25.80
N SER D 103 38.97 16.36 -25.45
CA SER D 103 37.76 17.18 -25.74
C SER D 103 37.81 18.40 -24.82
N PRO D 104 37.33 19.59 -25.22
CA PRO D 104 37.44 20.77 -24.36
C PRO D 104 36.75 20.50 -23.02
N GLU D 105 37.41 20.85 -21.91
CA GLU D 105 36.85 20.55 -20.56
C GLU D 105 35.58 21.40 -20.35
N VAL D 106 34.53 20.79 -19.79
CA VAL D 106 33.28 21.53 -19.48
C VAL D 106 32.92 21.30 -18.01
N THR D 107 32.59 22.36 -17.28
CA THR D 107 32.16 22.20 -15.86
C THR D 107 30.63 22.34 -15.81
N LEU D 108 29.94 21.29 -15.35
CA LEU D 108 28.45 21.32 -15.29
C LEU D 108 28.00 20.92 -13.88
N GLN D 109 26.94 21.56 -13.38
CA GLN D 109 26.40 21.12 -12.05
C GLN D 109 26.18 19.61 -12.14
N LEU D 110 25.61 19.11 -13.24
CA LEU D 110 25.38 17.65 -13.48
C LEU D 110 24.10 17.20 -12.76
N TYR D 111 23.48 18.10 -11.99
CA TYR D 111 22.19 17.77 -11.33
C TYR D 111 21.04 18.08 -12.29
N ASN D 112 21.35 18.73 -13.42
CA ASN D 112 20.32 19.09 -14.42
C ASN D 112 20.53 18.24 -15.67
C1 NAG E . 11.66 4.52 7.34
C2 NAG E . 11.73 4.05 8.77
C3 NAG E . 11.52 5.23 9.71
C4 NAG E . 12.57 6.30 9.43
C5 NAG E . 12.63 6.63 7.94
C6 NAG E . 13.87 7.41 7.59
C7 NAG E . 11.10 1.72 9.07
C8 NAG E . 9.99 0.75 9.34
N2 NAG E . 10.75 3.01 9.03
O3 NAG E . 11.66 4.77 11.04
O4 NAG E . 12.26 7.47 10.16
O5 NAG E . 12.68 5.45 7.11
O6 NAG E . 14.85 7.37 8.62
O7 NAG E . 12.25 1.34 8.90
C1 NAG E . 13.26 7.65 11.18
C2 NAG E . 13.14 9.05 11.80
C3 NAG E . 14.22 9.22 12.87
C4 NAG E . 14.17 8.07 13.88
C5 NAG E . 14.11 6.72 13.19
C6 NAG E . 13.82 5.58 14.14
C7 NAG E . 12.31 11.03 10.65
C8 NAG E . 12.57 12.05 9.58
N2 NAG E . 13.24 10.08 10.80
O3 NAG E . 14.01 10.46 13.54
O4 NAG E . 15.36 8.09 14.65
O5 NAG E . 13.08 6.69 12.20
O6 NAG E . 12.75 5.89 15.00
O7 NAG E . 11.30 11.06 11.33
C1 BMA E . 15.11 8.09 16.08
C2 BMA E . 15.89 9.24 16.68
C3 BMA E . 15.74 9.14 18.18
C4 BMA E . 14.27 9.15 18.57
C5 BMA E . 13.48 8.09 17.79
C6 BMA E . 11.99 8.21 18.00
O2 BMA E . 15.30 10.46 16.31
O3 BMA E . 16.40 10.20 18.83
O4 BMA E . 14.15 8.87 19.95
O5 BMA E . 13.75 8.27 16.38
O6 BMA E . 11.57 9.49 17.56
C1 NAG F . -17.12 36.65 9.85
C2 NAG F . -17.99 37.69 10.52
C3 NAG F . -17.35 39.08 10.40
C4 NAG F . -15.92 39.05 10.90
C5 NAG F . -15.14 37.94 10.20
C6 NAG F . -13.74 37.77 10.74
C7 NAG F . -20.32 36.93 10.40
C8 NAG F . -21.62 37.05 9.68
N2 NAG F . -19.32 37.70 9.94
O3 NAG F . -18.10 40.01 11.16
O4 NAG F . -15.29 40.30 10.65
O5 NAG F . -15.81 36.68 10.40
O6 NAG F . -13.61 36.56 11.46
O7 NAG F . -20.16 36.18 11.36
#